data_7KBP
#
_entry.id   7KBP
#
_cell.length_a   71.153
_cell.length_b   130.924
_cell.length_c   139.999
_cell.angle_alpha   90.000
_cell.angle_beta   90.000
_cell.angle_gamma   90.000
#
_symmetry.space_group_name_H-M   'P 21 21 21'
#
loop_
_entity.id
_entity.type
_entity.pdbx_description
1 polymer 'Single-chain Fv'
2 non-polymer GLYCEROL
3 water water
#
_entity_poly.entity_id   1
_entity_poly.type   'polypeptide(L)'
_entity_poly.pdbx_seq_one_letter_code
;MEVQLVESGGGLVQPGGSLRLSCAASGFNIKDTYIHWVRQAPGKGLEWVARIYPTNGYTRYADSVKGRFTISADTSKNTA
YLQMNSLTACDTAVYYCSRWGGDGFYAMDYWGQGTLVTVSSGGGGSDIQMTQSPSSLSASVGDRVTITCRASQDVNTAVA
WYQQKPGKAPKLLIYSASFLYSGVPSRFSGSRSGTDFTLTISSLQPEDFATYYCQQHYTTPPTFGQGTKVEIKGSHHHHH
H
;
_entity_poly.pdbx_strand_id   A,B,C,D
#
# COMPACT_ATOMS: atom_id res chain seq x y z
N MET A 1 -8.29 -36.20 -6.76
CA MET A 1 -9.53 -35.45 -6.90
C MET A 1 -9.71 -34.48 -5.74
N GLU A 2 -10.30 -33.32 -6.03
CA GLU A 2 -10.50 -32.30 -5.02
C GLU A 2 -11.66 -32.67 -4.11
N VAL A 3 -11.52 -32.34 -2.83
CA VAL A 3 -12.60 -32.52 -1.87
C VAL A 3 -13.67 -31.47 -2.12
N GLN A 4 -14.92 -31.91 -2.19
CA GLN A 4 -16.01 -31.01 -2.56
C GLN A 4 -17.31 -31.48 -1.92
N LEU A 5 -18.09 -30.52 -1.43
CA LEU A 5 -19.44 -30.77 -0.95
C LEU A 5 -20.38 -29.81 -1.68
N VAL A 6 -21.45 -30.35 -2.25
CA VAL A 6 -22.39 -29.56 -3.04
C VAL A 6 -23.80 -29.82 -2.50
N GLU A 7 -24.42 -28.80 -1.95
CA GLU A 7 -25.78 -28.90 -1.46
C GLU A 7 -26.78 -28.54 -2.55
N SER A 8 -27.98 -29.09 -2.44
CA SER A 8 -29.05 -28.79 -3.37
C SER A 8 -30.38 -29.13 -2.72
N GLY A 9 -31.44 -28.56 -3.27
CA GLY A 9 -32.79 -28.79 -2.79
C GLY A 9 -33.48 -27.58 -2.20
N GLY A 10 -32.74 -26.51 -1.94
CA GLY A 10 -33.34 -25.32 -1.36
C GLY A 10 -34.33 -24.65 -2.29
N GLY A 11 -35.04 -23.69 -1.71
CA GLY A 11 -36.05 -22.96 -2.44
C GLY A 11 -37.07 -22.39 -1.49
N LEU A 12 -38.19 -21.95 -2.06
CA LEU A 12 -39.29 -21.41 -1.27
C LEU A 12 -40.24 -22.53 -0.89
N VAL A 13 -40.62 -22.59 0.37
CA VAL A 13 -41.54 -23.60 0.88
C VAL A 13 -42.64 -22.90 1.67
N GLN A 14 -43.85 -23.43 1.57
CA GLN A 14 -44.95 -22.90 2.36
C GLN A 14 -44.76 -23.32 3.82
N PRO A 15 -45.13 -22.46 4.78
CA PRO A 15 -45.01 -22.84 6.19
C PRO A 15 -45.85 -24.07 6.48
N GLY A 16 -45.32 -24.91 7.38
CA GLY A 16 -45.88 -26.22 7.63
C GLY A 16 -45.52 -27.27 6.59
N GLY A 17 -45.01 -26.87 5.44
CA GLY A 17 -44.59 -27.80 4.42
C GLY A 17 -43.31 -28.53 4.82
N SER A 18 -42.80 -29.31 3.87
CA SER A 18 -41.62 -30.12 4.09
C SER A 18 -40.70 -30.01 2.89
N LEU A 19 -39.44 -30.43 3.09
CA LEU A 19 -38.42 -30.32 2.07
C LEU A 19 -37.28 -31.27 2.42
N ARG A 20 -36.65 -31.80 1.37
CA ARG A 20 -35.47 -32.65 1.53
C ARG A 20 -34.28 -32.00 0.83
N LEU A 21 -33.20 -31.82 1.59
CA LEU A 21 -31.94 -31.33 1.04
C LEU A 21 -30.98 -32.49 0.83
N SER A 22 -30.10 -32.34 -0.16
CA SER A 22 -29.07 -33.32 -0.44
C SER A 22 -27.71 -32.63 -0.44
N CYS A 23 -26.68 -33.41 -0.12
CA CYS A 23 -25.30 -32.93 -0.14
C CYS A 23 -24.44 -33.99 -0.81
N ALA A 24 -24.04 -33.75 -2.04
CA ALA A 24 -23.22 -34.70 -2.79
C ALA A 24 -21.75 -34.44 -2.53
N ALA A 25 -21.01 -35.49 -2.18
CA ALA A 25 -19.60 -35.39 -1.86
C ALA A 25 -18.75 -36.00 -2.96
N SER A 26 -17.55 -35.44 -3.14
CA SER A 26 -16.58 -35.97 -4.07
C SER A 26 -15.19 -35.72 -3.49
N GLY A 27 -14.23 -36.56 -3.91
CA GLY A 27 -12.89 -36.52 -3.36
C GLY A 27 -12.69 -37.32 -2.09
N PHE A 28 -13.77 -37.79 -1.47
CA PHE A 28 -13.69 -38.64 -0.29
C PHE A 28 -14.98 -39.45 -0.21
N ASN A 29 -15.05 -40.35 0.77
CA ASN A 29 -16.22 -41.18 0.99
C ASN A 29 -16.87 -40.75 2.29
N ILE A 30 -18.16 -40.40 2.23
CA ILE A 30 -18.88 -39.99 3.44
C ILE A 30 -18.98 -41.12 4.44
N LYS A 31 -18.72 -42.36 4.01
CA LYS A 31 -18.75 -43.50 4.92
C LYS A 31 -17.71 -43.37 6.02
N ASP A 32 -16.63 -42.65 5.78
CA ASP A 32 -15.48 -42.64 6.68
C ASP A 32 -15.41 -41.39 7.57
N THR A 33 -16.48 -40.60 7.64
CA THR A 33 -16.44 -39.39 8.46
C THR A 33 -17.86 -38.97 8.81
N TYR A 34 -17.94 -38.01 9.73
CA TYR A 34 -19.21 -37.40 10.10
C TYR A 34 -19.57 -36.31 9.10
N ILE A 35 -20.82 -36.30 8.65
CA ILE A 35 -21.35 -35.26 7.78
C ILE A 35 -22.33 -34.43 8.61
N HIS A 36 -22.06 -33.14 8.72
CA HIS A 36 -22.88 -32.24 9.53
C HIS A 36 -23.73 -31.34 8.65
N TRP A 37 -24.82 -30.86 9.23
CA TRP A 37 -25.62 -29.80 8.65
C TRP A 37 -25.60 -28.60 9.58
N VAL A 38 -25.22 -27.44 9.05
CA VAL A 38 -25.17 -26.20 9.82
C VAL A 38 -25.93 -25.15 9.03
N ARG A 39 -26.75 -24.36 9.72
CA ARG A 39 -27.60 -23.39 9.06
C ARG A 39 -27.31 -21.98 9.58
N GLN A 40 -27.66 -21.00 8.76
CA GLN A 40 -27.39 -19.59 9.06
C GLN A 40 -28.61 -18.77 8.62
N ALA A 41 -29.36 -18.27 9.60
CA ALA A 41 -30.47 -17.39 9.28
C ALA A 41 -29.94 -16.12 8.61
N PRO A 42 -30.75 -15.45 7.78
CA PRO A 42 -30.28 -14.27 7.07
C PRO A 42 -29.80 -13.19 8.03
N GLY A 43 -28.52 -12.84 7.91
CA GLY A 43 -27.92 -11.83 8.75
C GLY A 43 -27.62 -12.26 10.18
N LYS A 44 -27.68 -13.55 10.47
CA LYS A 44 -27.46 -14.06 11.81
C LYS A 44 -26.26 -15.02 11.82
N GLY A 45 -26.05 -15.67 12.95
CA GLY A 45 -24.91 -16.54 13.14
C GLY A 45 -25.15 -17.95 12.62
N LEU A 46 -24.32 -18.88 13.10
CA LEU A 46 -24.34 -20.26 12.66
C LEU A 46 -24.88 -21.16 13.75
N GLU A 47 -25.66 -22.16 13.35
CA GLU A 47 -26.26 -23.12 14.29
C GLU A 47 -26.13 -24.52 13.73
N TRP A 48 -25.47 -25.40 14.48
CA TRP A 48 -25.42 -26.81 14.11
C TRP A 48 -26.76 -27.47 14.40
N VAL A 49 -27.23 -28.32 13.48
CA VAL A 49 -28.55 -28.93 13.57
C VAL A 49 -28.49 -30.45 13.58
N ALA A 50 -27.58 -31.06 12.82
CA ALA A 50 -27.57 -32.51 12.72
C ALA A 50 -26.23 -33.01 12.18
N ARG A 51 -25.99 -34.31 12.39
CA ARG A 51 -24.80 -34.98 11.88
C ARG A 51 -25.09 -36.46 11.73
N ILE A 52 -24.29 -37.12 10.89
CA ILE A 52 -24.43 -38.56 10.66
C ILE A 52 -23.05 -39.15 10.39
N TYR A 53 -22.84 -40.36 10.91
CA TYR A 53 -21.64 -41.17 10.64
C TYR A 53 -22.11 -42.44 9.97
N PRO A 54 -22.11 -42.49 8.63
CA PRO A 54 -22.80 -43.61 7.93
C PRO A 54 -22.21 -44.97 8.24
N THR A 55 -20.94 -45.06 8.61
CA THR A 55 -20.34 -46.37 8.90
C THR A 55 -21.02 -47.06 10.06
N ASN A 56 -21.38 -46.30 11.10
CA ASN A 56 -22.03 -46.85 12.27
C ASN A 56 -23.52 -46.53 12.34
N GLY A 57 -24.04 -45.73 11.42
CA GLY A 57 -25.42 -45.30 11.51
C GLY A 57 -25.69 -44.32 12.62
N TYR A 58 -24.65 -43.68 13.16
CA TYR A 58 -24.83 -42.73 14.24
C TYR A 58 -25.46 -41.45 13.72
N THR A 59 -26.49 -40.96 14.41
CA THR A 59 -27.12 -39.68 14.09
C THR A 59 -27.35 -38.89 15.37
N ARG A 60 -27.21 -37.58 15.27
CA ARG A 60 -27.47 -36.68 16.37
C ARG A 60 -28.15 -35.42 15.85
N TYR A 61 -29.02 -34.84 16.67
CA TYR A 61 -29.78 -33.66 16.28
C TYR A 61 -29.73 -32.63 17.40
N ALA A 62 -29.79 -31.36 17.01
CA ALA A 62 -29.97 -30.29 17.98
C ALA A 62 -31.40 -30.30 18.50
N ASP A 63 -31.58 -29.78 19.71
CA ASP A 63 -32.90 -29.79 20.34
C ASP A 63 -33.90 -28.96 19.54
N SER A 64 -33.43 -27.93 18.84
CA SER A 64 -34.34 -27.06 18.11
C SER A 64 -34.99 -27.74 16.91
N VAL A 65 -34.44 -28.87 16.45
CA VAL A 65 -34.98 -29.58 15.30
C VAL A 65 -35.31 -31.04 15.60
N LYS A 66 -35.09 -31.50 16.83
CA LYS A 66 -35.38 -32.89 17.17
C LYS A 66 -36.86 -33.18 16.96
N GLY A 67 -37.14 -34.34 16.35
CA GLY A 67 -38.49 -34.72 16.02
C GLY A 67 -39.05 -34.13 14.75
N ARG A 68 -38.41 -33.09 14.21
CA ARG A 68 -38.84 -32.46 12.96
C ARG A 68 -37.90 -32.74 11.81
N PHE A 69 -36.60 -32.82 12.05
CA PHE A 69 -35.61 -33.01 11.00
C PHE A 69 -35.08 -34.43 11.03
N THR A 70 -34.78 -34.95 9.84
CA THR A 70 -34.27 -36.30 9.66
C THR A 70 -33.03 -36.26 8.79
N ILE A 71 -31.93 -36.81 9.27
CA ILE A 71 -30.69 -36.93 8.51
C ILE A 71 -30.52 -38.38 8.09
N SER A 72 -30.04 -38.57 6.86
CA SER A 72 -29.83 -39.90 6.30
C SER A 72 -28.70 -39.83 5.30
N ALA A 73 -28.37 -40.98 4.71
CA ALA A 73 -27.26 -41.05 3.77
C ALA A 73 -27.48 -42.21 2.81
N ASP A 74 -26.86 -42.08 1.63
CA ASP A 74 -26.80 -43.14 0.63
C ASP A 74 -25.34 -43.22 0.21
N THR A 75 -24.59 -44.16 0.82
CA THR A 75 -23.17 -44.28 0.52
C THR A 75 -22.92 -44.70 -0.92
N SER A 76 -23.85 -45.45 -1.51
CA SER A 76 -23.69 -45.83 -2.92
C SER A 76 -23.66 -44.61 -3.83
N LYS A 77 -24.36 -43.55 -3.45
CA LYS A 77 -24.32 -42.29 -4.18
C LYS A 77 -23.42 -41.26 -3.53
N ASN A 78 -22.78 -41.59 -2.40
CA ASN A 78 -21.89 -40.69 -1.68
C ASN A 78 -22.59 -39.38 -1.35
N THR A 79 -23.86 -39.48 -0.95
CA THR A 79 -24.71 -38.32 -0.73
C THR A 79 -25.42 -38.44 0.62
N ALA A 80 -25.44 -37.33 1.37
CA ALA A 80 -26.19 -37.22 2.60
C ALA A 80 -27.47 -36.44 2.36
N TYR A 81 -28.45 -36.62 3.25
CA TYR A 81 -29.75 -36.01 3.10
C TYR A 81 -30.22 -35.43 4.42
N LEU A 82 -31.00 -34.35 4.33
CA LEU A 82 -31.66 -33.74 5.48
C LEU A 82 -33.13 -33.56 5.14
N GLN A 83 -33.99 -34.30 5.83
CA GLN A 83 -35.43 -34.21 5.64
C GLN A 83 -36.01 -33.30 6.71
N MET A 84 -36.71 -32.25 6.28
CA MET A 84 -37.22 -31.21 7.18
C MET A 84 -38.74 -31.17 7.07
N ASN A 85 -39.41 -31.35 8.20
CA ASN A 85 -40.87 -31.40 8.25
C ASN A 85 -41.41 -30.23 9.07
N SER A 86 -42.66 -29.85 8.77
CA SER A 86 -43.38 -28.78 9.47
C SER A 86 -42.52 -27.54 9.64
N LEU A 87 -42.14 -26.96 8.50
CA LEU A 87 -41.22 -25.83 8.52
C LEU A 87 -41.92 -24.56 8.95
N THR A 88 -41.18 -23.70 9.64
CA THR A 88 -41.65 -22.41 10.10
C THR A 88 -40.75 -21.31 9.57
N ALA A 89 -41.15 -20.06 9.82
CA ALA A 89 -40.33 -18.93 9.41
C ALA A 89 -38.96 -18.95 10.08
N CYS A 90 -38.87 -19.51 11.27
CA CYS A 90 -37.59 -19.59 11.96
C CYS A 90 -36.66 -20.66 11.40
N ASP A 91 -37.09 -21.41 10.39
CA ASP A 91 -36.22 -22.33 9.68
C ASP A 91 -35.63 -21.73 8.42
N THR A 92 -36.05 -20.52 8.04
CA THR A 92 -35.45 -19.83 6.91
C THR A 92 -33.97 -19.59 7.18
N ALA A 93 -33.11 -20.13 6.32
CA ALA A 93 -31.68 -20.03 6.52
C ALA A 93 -30.98 -20.57 5.29
N VAL A 94 -29.69 -20.27 5.18
CA VAL A 94 -28.81 -20.98 4.27
C VAL A 94 -28.33 -22.23 4.99
N TYR A 95 -28.57 -23.40 4.39
CA TYR A 95 -28.25 -24.67 5.02
C TYR A 95 -26.92 -25.18 4.45
N TYR A 96 -25.89 -25.17 5.27
CA TYR A 96 -24.58 -25.66 4.88
C TYR A 96 -24.42 -27.11 5.27
N CYS A 97 -23.69 -27.85 4.44
CA CYS A 97 -23.29 -29.22 4.73
C CYS A 97 -21.77 -29.24 4.86
N SER A 98 -21.28 -29.89 5.91
CA SER A 98 -19.87 -29.90 6.23
C SER A 98 -19.49 -31.27 6.78
N ARG A 99 -18.19 -31.43 7.04
CA ARG A 99 -17.64 -32.71 7.48
C ARG A 99 -16.52 -32.46 8.48
N TRP A 100 -16.32 -33.44 9.36
CA TRP A 100 -15.12 -33.46 10.20
C TRP A 100 -13.94 -33.95 9.38
N GLY A 101 -12.73 -33.57 9.82
CA GLY A 101 -11.54 -33.94 9.09
C GLY A 101 -11.30 -35.44 9.06
N GLY A 102 -11.78 -36.15 10.07
CA GLY A 102 -11.54 -37.57 10.19
C GLY A 102 -10.44 -37.88 11.20
N ASP A 103 -10.42 -39.15 11.63
CA ASP A 103 -9.48 -39.65 12.64
C ASP A 103 -9.72 -38.83 13.91
N GLY A 104 -8.75 -38.05 14.39
CA GLY A 104 -8.94 -37.24 15.57
C GLY A 104 -9.10 -35.77 15.28
N PHE A 105 -9.56 -35.46 14.06
CA PHE A 105 -9.77 -34.08 13.62
C PHE A 105 -11.26 -33.77 13.73
N TYR A 106 -11.61 -32.87 14.64
CA TYR A 106 -13.02 -32.58 14.92
C TYR A 106 -13.42 -31.16 14.55
N ALA A 107 -12.55 -30.41 13.89
CA ALA A 107 -12.97 -29.18 13.24
C ALA A 107 -13.57 -29.50 11.88
N MET A 108 -14.42 -28.59 11.40
CA MET A 108 -15.09 -28.76 10.11
C MET A 108 -14.22 -28.12 9.03
N ASP A 109 -13.43 -28.95 8.35
CA ASP A 109 -12.43 -28.44 7.41
C ASP A 109 -12.99 -28.15 6.02
N TYR A 110 -14.11 -28.75 5.64
CA TYR A 110 -14.70 -28.55 4.33
C TYR A 110 -16.18 -28.28 4.46
N TRP A 111 -16.65 -27.21 3.81
CA TRP A 111 -18.05 -26.84 3.78
C TRP A 111 -18.52 -26.74 2.35
N GLY A 112 -19.81 -27.01 2.13
CA GLY A 112 -20.42 -26.79 0.85
C GLY A 112 -20.75 -25.33 0.63
N GLN A 113 -21.22 -25.02 -0.58
CA GLN A 113 -21.55 -23.64 -0.91
C GLN A 113 -22.80 -23.15 -0.18
N GLY A 114 -23.66 -24.05 0.25
CA GLY A 114 -24.88 -23.67 0.94
C GLY A 114 -26.07 -23.61 0.00
N THR A 115 -27.24 -23.93 0.53
CA THR A 115 -28.48 -23.83 -0.23
C THR A 115 -29.51 -23.10 0.63
N LEU A 116 -30.19 -22.12 0.03
CA LEU A 116 -31.09 -21.25 0.76
C LEU A 116 -32.50 -21.84 0.79
N VAL A 117 -33.05 -21.94 1.99
CA VAL A 117 -34.44 -22.34 2.20
C VAL A 117 -35.19 -21.13 2.73
N THR A 118 -36.25 -20.75 2.02
CA THR A 118 -37.09 -19.62 2.42
C THR A 118 -38.49 -20.13 2.70
N VAL A 119 -38.92 -20.04 3.96
CA VAL A 119 -40.24 -20.48 4.37
C VAL A 119 -41.20 -19.29 4.24
N SER A 120 -42.14 -19.38 3.32
CA SER A 120 -43.08 -18.30 3.04
C SER A 120 -43.85 -17.85 4.28
N GLY A 125 -50.32 -17.91 -1.19
CA GLY A 125 -51.11 -17.06 -0.34
C GLY A 125 -52.57 -16.96 -0.76
N SER A 126 -53.39 -17.88 -0.24
CA SER A 126 -54.81 -17.91 -0.52
C SER A 126 -55.64 -17.26 0.58
N ASP A 127 -55.01 -16.84 1.68
CA ASP A 127 -55.73 -16.17 2.75
C ASP A 127 -56.17 -14.79 2.32
N ILE A 128 -57.35 -14.38 2.76
CA ILE A 128 -57.85 -13.04 2.50
C ILE A 128 -57.10 -12.05 3.37
N GLN A 129 -56.35 -11.14 2.74
CA GLN A 129 -55.55 -10.17 3.47
C GLN A 129 -56.32 -8.88 3.65
N MET A 130 -56.31 -8.35 4.87
CA MET A 130 -56.98 -7.11 5.21
C MET A 130 -55.94 -6.03 5.49
N THR A 131 -56.08 -4.88 4.85
CA THR A 131 -55.11 -3.78 4.94
C THR A 131 -55.81 -2.58 5.57
N GLN A 132 -55.41 -2.23 6.78
CA GLN A 132 -55.95 -1.07 7.48
C GLN A 132 -55.12 0.17 7.18
N SER A 133 -55.81 1.32 7.14
CA SER A 133 -55.15 2.59 6.89
C SER A 133 -55.85 3.65 7.74
N PRO A 134 -55.09 4.50 8.45
CA PRO A 134 -53.62 4.49 8.46
C PRO A 134 -53.05 3.51 9.49
N SER A 135 -51.73 3.37 9.52
CA SER A 135 -51.11 2.56 10.56
C SER A 135 -51.31 3.18 11.95
N SER A 136 -51.36 4.51 12.03
CA SER A 136 -51.61 5.20 13.28
C SER A 136 -52.09 6.61 12.96
N LEU A 137 -52.81 7.20 13.91
CA LEU A 137 -53.29 8.56 13.75
C LEU A 137 -53.34 9.25 15.10
N SER A 138 -53.04 10.54 15.11
CA SER A 138 -53.12 11.36 16.31
C SER A 138 -54.38 12.22 16.24
N ALA A 139 -55.04 12.38 17.39
CA ALA A 139 -56.29 13.12 17.44
C ALA A 139 -56.42 13.80 18.79
N SER A 140 -57.33 14.76 18.86
CA SER A 140 -57.66 15.45 20.09
C SER A 140 -58.99 14.92 20.62
N VAL A 141 -59.18 15.04 21.93
CA VAL A 141 -60.40 14.54 22.56
C VAL A 141 -61.60 15.27 21.97
N GLY A 142 -62.58 14.50 21.50
CA GLY A 142 -63.77 15.04 20.88
C GLY A 142 -63.75 15.07 19.37
N ASP A 143 -62.60 14.76 18.76
CA ASP A 143 -62.50 14.77 17.30
C ASP A 143 -63.29 13.61 16.71
N ARG A 144 -63.51 13.69 15.39
CA ARG A 144 -64.14 12.62 14.65
C ARG A 144 -63.07 11.78 13.97
N VAL A 145 -63.01 10.50 14.33
CA VAL A 145 -61.99 9.59 13.82
C VAL A 145 -62.64 8.61 12.86
N THR A 146 -61.94 8.32 11.76
CA THR A 146 -62.38 7.33 10.79
C THR A 146 -61.19 6.46 10.40
N ILE A 147 -61.36 5.15 10.52
CA ILE A 147 -60.34 4.18 10.16
C ILE A 147 -60.89 3.29 9.05
N THR A 148 -60.03 2.95 8.09
CA THR A 148 -60.43 2.24 6.89
C THR A 148 -59.70 0.91 6.78
N CYS A 149 -60.40 -0.12 6.31
CA CYS A 149 -59.79 -1.40 6.00
C CYS A 149 -60.25 -1.86 4.62
N ARG A 150 -59.34 -2.48 3.88
CA ARG A 150 -59.59 -2.96 2.53
C ARG A 150 -59.33 -4.45 2.48
N ALA A 151 -60.34 -5.20 2.04
CA ALA A 151 -60.22 -6.65 1.86
C ALA A 151 -59.69 -6.94 0.46
N SER A 152 -58.70 -7.84 0.38
CA SER A 152 -58.11 -8.18 -0.90
C SER A 152 -59.11 -8.85 -1.85
N GLN A 153 -60.17 -9.46 -1.31
CA GLN A 153 -61.22 -10.07 -2.10
C GLN A 153 -62.57 -9.67 -1.50
N ASP A 154 -63.64 -10.10 -2.15
CA ASP A 154 -64.98 -9.80 -1.66
C ASP A 154 -65.27 -10.62 -0.40
N VAL A 155 -65.81 -9.96 0.62
CA VAL A 155 -66.10 -10.63 1.89
C VAL A 155 -67.52 -10.33 2.32
N ASN A 156 -68.37 -9.91 1.37
CA ASN A 156 -69.79 -9.61 1.62
C ASN A 156 -69.84 -8.56 2.72
N THR A 157 -70.49 -8.80 3.86
CA THR A 157 -70.44 -7.92 5.01
C THR A 157 -69.91 -8.62 6.25
N ALA A 158 -69.20 -9.74 6.07
CA ALA A 158 -68.70 -10.53 7.20
C ALA A 158 -67.39 -9.93 7.70
N VAL A 159 -67.51 -8.77 8.33
CA VAL A 159 -66.36 -8.01 8.83
C VAL A 159 -66.68 -7.55 10.25
N ALA A 160 -65.72 -7.74 11.16
CA ALA A 160 -65.86 -7.33 12.54
C ALA A 160 -64.74 -6.37 12.92
N TRP A 161 -65.01 -5.52 13.91
CA TRP A 161 -64.04 -4.55 14.42
C TRP A 161 -63.80 -4.80 15.89
N TYR A 162 -62.54 -4.75 16.30
CA TYR A 162 -62.14 -4.99 17.68
C TYR A 162 -61.28 -3.85 18.18
N GLN A 163 -61.41 -3.56 19.47
CA GLN A 163 -60.58 -2.57 20.16
C GLN A 163 -59.71 -3.26 21.18
N GLN A 164 -58.43 -2.91 21.21
CA GLN A 164 -57.49 -3.48 22.18
C GLN A 164 -56.76 -2.35 22.90
N LYS A 165 -56.86 -2.34 24.21
CA LYS A 165 -56.10 -1.47 25.08
C LYS A 165 -54.83 -2.19 25.56
N PRO A 166 -53.75 -1.45 25.80
CA PRO A 166 -52.47 -2.10 26.11
C PRO A 166 -52.57 -3.01 27.33
N GLY A 167 -52.04 -4.23 27.18
CA GLY A 167 -52.10 -5.24 28.22
C GLY A 167 -53.41 -5.99 28.32
N LYS A 168 -54.43 -5.60 27.56
CA LYS A 168 -55.74 -6.21 27.64
C LYS A 168 -56.04 -7.03 26.39
N ALA A 169 -57.01 -7.91 26.52
CA ALA A 169 -57.50 -8.70 25.39
C ALA A 169 -58.37 -7.84 24.49
N PRO A 170 -58.50 -8.21 23.21
CA PRO A 170 -59.40 -7.47 22.32
C PRO A 170 -60.84 -7.58 22.79
N LYS A 171 -61.63 -6.57 22.43
CA LYS A 171 -63.05 -6.54 22.73
C LYS A 171 -63.82 -6.14 21.48
N LEU A 172 -64.93 -6.85 21.24
CA LEU A 172 -65.70 -6.66 20.02
C LEU A 172 -66.51 -5.37 20.07
N LEU A 173 -66.47 -4.62 18.97
CA LEU A 173 -67.25 -3.39 18.82
C LEU A 173 -68.32 -3.50 17.74
N ILE A 174 -67.91 -3.87 16.53
CA ILE A 174 -68.80 -3.94 15.38
C ILE A 174 -68.74 -5.34 14.80
N TYR A 175 -69.90 -5.90 14.45
CA TYR A 175 -69.99 -7.17 13.75
C TYR A 175 -70.88 -6.99 12.53
N SER A 176 -70.64 -7.82 11.51
CA SER A 176 -71.36 -7.74 10.24
C SER A 176 -71.28 -6.34 9.64
N ALA A 177 -70.07 -5.77 9.69
CA ALA A 177 -69.72 -4.52 9.02
C ALA A 177 -70.33 -3.27 9.65
N SER A 178 -71.58 -3.36 10.12
CA SER A 178 -72.27 -2.16 10.56
C SER A 178 -73.14 -2.34 11.81
N PHE A 179 -73.15 -3.50 12.44
CA PHE A 179 -73.99 -3.72 13.62
C PHE A 179 -73.18 -3.46 14.88
N LEU A 180 -73.75 -2.66 15.79
CA LEU A 180 -73.08 -2.28 17.02
C LEU A 180 -73.28 -3.37 18.07
N TYR A 181 -72.18 -3.92 18.58
CA TYR A 181 -72.26 -4.96 19.59
C TYR A 181 -72.91 -4.40 20.86
N SER A 182 -73.66 -5.26 21.55
CA SER A 182 -74.41 -4.83 22.73
C SER A 182 -73.45 -4.37 23.83
N GLY A 183 -73.68 -3.15 24.31
CA GLY A 183 -72.87 -2.55 25.35
C GLY A 183 -71.83 -1.57 24.87
N VAL A 184 -71.58 -1.51 23.56
CA VAL A 184 -70.58 -0.60 22.99
C VAL A 184 -71.22 0.77 22.81
N PRO A 185 -70.55 1.85 23.20
CA PRO A 185 -71.17 3.18 23.16
C PRO A 185 -71.62 3.57 21.75
N SER A 186 -72.52 4.55 21.71
CA SER A 186 -73.17 4.97 20.47
C SER A 186 -72.20 5.63 19.50
N ARG A 187 -71.10 6.22 19.98
CA ARG A 187 -70.21 6.97 19.11
C ARG A 187 -69.47 6.09 18.11
N PHE A 188 -69.47 4.78 18.30
CA PHE A 188 -68.84 3.87 17.34
C PHE A 188 -69.82 3.48 16.26
N SER A 189 -69.32 3.35 15.03
CA SER A 189 -70.16 2.99 13.89
C SER A 189 -69.29 2.35 12.82
N GLY A 190 -69.92 1.52 11.99
CA GLY A 190 -69.23 0.87 10.90
C GLY A 190 -70.02 0.99 9.61
N SER A 191 -69.29 0.91 8.49
CA SER A 191 -69.90 1.04 7.18
C SER A 191 -69.06 0.30 6.15
N ARG A 192 -69.70 -0.04 5.03
CA ARG A 192 -69.08 -0.80 3.96
C ARG A 192 -69.28 -0.08 2.63
N SER A 193 -68.27 -0.19 1.75
CA SER A 193 -68.34 0.33 0.38
C SER A 193 -67.58 -0.66 -0.51
N GLY A 194 -68.22 -1.79 -0.81
CA GLY A 194 -67.59 -2.83 -1.59
C GLY A 194 -66.64 -3.65 -0.76
N THR A 195 -65.35 -3.58 -1.08
CA THR A 195 -64.31 -4.20 -0.27
C THR A 195 -63.67 -3.21 0.71
N ASP A 196 -64.25 -2.03 0.86
CA ASP A 196 -63.73 -1.00 1.76
C ASP A 196 -64.65 -0.88 2.97
N PHE A 197 -64.08 -1.08 4.15
CA PHE A 197 -64.83 -1.01 5.40
C PHE A 197 -64.28 0.11 6.27
N THR A 198 -65.17 0.75 7.03
CA THR A 198 -64.82 1.95 7.78
C THR A 198 -65.33 1.84 9.21
N LEU A 199 -64.47 2.15 10.16
CA LEU A 199 -64.85 2.34 11.55
C LEU A 199 -64.82 3.83 11.87
N THR A 200 -65.86 4.31 12.55
CA THR A 200 -66.03 5.74 12.79
C THR A 200 -66.36 5.97 14.25
N ILE A 201 -65.58 6.82 14.90
CA ILE A 201 -65.87 7.32 16.25
C ILE A 201 -66.31 8.77 16.10
N SER A 202 -67.55 9.04 16.49
CA SER A 202 -68.15 10.36 16.23
C SER A 202 -67.39 11.46 16.96
N SER A 203 -67.28 11.34 18.29
CA SER A 203 -66.53 12.29 19.12
C SER A 203 -65.62 11.49 20.04
N LEU A 204 -64.30 11.61 19.84
CA LEU A 204 -63.34 10.79 20.55
C LEU A 204 -63.38 11.08 22.05
N GLN A 205 -63.45 10.02 22.85
CA GLN A 205 -63.37 10.05 24.31
C GLN A 205 -62.03 9.47 24.77
N PRO A 206 -61.49 9.96 25.89
CA PRO A 206 -60.14 9.52 26.29
C PRO A 206 -59.99 8.01 26.42
N GLU A 207 -61.05 7.29 26.81
CA GLU A 207 -60.96 5.85 26.90
C GLU A 207 -60.95 5.17 25.53
N ASP A 208 -61.09 5.90 24.44
CA ASP A 208 -61.08 5.31 23.11
C ASP A 208 -59.70 5.30 22.48
N PHE A 209 -58.70 5.92 23.11
CA PHE A 209 -57.33 5.82 22.66
C PHE A 209 -56.84 4.39 22.85
N ALA A 210 -56.67 3.67 21.75
CA ALA A 210 -56.31 2.26 21.77
C ALA A 210 -55.93 1.85 20.35
N THR A 211 -55.69 0.56 20.16
CA THR A 211 -55.44 -0.02 18.84
C THR A 211 -56.71 -0.72 18.37
N TYR A 212 -57.04 -0.53 17.09
CA TYR A 212 -58.27 -1.07 16.51
C TYR A 212 -57.92 -2.03 15.39
N TYR A 213 -58.54 -3.21 15.41
CA TYR A 213 -58.27 -4.26 14.45
C TYR A 213 -59.52 -4.56 13.64
N CYS A 214 -59.38 -4.60 12.32
CA CYS A 214 -60.41 -5.15 11.47
C CYS A 214 -60.20 -6.64 11.30
N GLN A 215 -61.29 -7.34 10.98
CA GLN A 215 -61.22 -8.79 10.82
C GLN A 215 -62.33 -9.24 9.89
N GLN A 216 -62.00 -10.13 8.97
CA GLN A 216 -62.99 -10.76 8.10
C GLN A 216 -63.29 -12.17 8.60
N HIS A 217 -64.57 -12.53 8.58
CA HIS A 217 -64.99 -13.90 8.86
C HIS A 217 -65.86 -14.43 7.73
N TYR A 218 -65.61 -13.93 6.50
CA TYR A 218 -66.33 -14.44 5.34
C TYR A 218 -65.90 -15.86 5.01
N THR A 219 -64.61 -16.14 5.10
CA THR A 219 -64.07 -17.47 4.87
C THR A 219 -63.09 -17.81 5.99
N THR A 220 -62.58 -19.03 5.94
CA THR A 220 -61.58 -19.60 6.84
C THR A 220 -60.22 -19.61 6.17
N PRO A 221 -59.14 -19.28 6.89
CA PRO A 221 -59.13 -18.89 8.31
C PRO A 221 -59.50 -17.42 8.51
N PRO A 222 -59.91 -17.06 9.73
CA PRO A 222 -60.13 -15.65 10.03
C PRO A 222 -58.82 -14.87 9.98
N THR A 223 -58.87 -13.69 9.39
CA THR A 223 -57.67 -12.86 9.23
C THR A 223 -57.96 -11.45 9.73
N PHE A 224 -56.95 -10.84 10.35
CA PHE A 224 -57.06 -9.50 10.90
C PHE A 224 -56.29 -8.50 10.04
N GLY A 225 -56.71 -7.26 10.11
CA GLY A 225 -55.86 -6.17 9.66
C GLY A 225 -54.69 -5.99 10.61
N GLN A 226 -53.69 -5.23 10.15
CA GLN A 226 -52.49 -5.06 10.97
C GLN A 226 -52.71 -4.17 12.18
N GLY A 227 -53.81 -3.44 12.23
CA GLY A 227 -54.12 -2.64 13.40
C GLY A 227 -53.88 -1.16 13.15
N THR A 228 -54.63 -0.32 13.87
CA THR A 228 -54.52 1.13 13.77
C THR A 228 -54.47 1.69 15.18
N LYS A 229 -53.34 2.29 15.55
CA LYS A 229 -53.19 2.91 16.85
C LYS A 229 -53.75 4.33 16.81
N VAL A 230 -54.61 4.66 17.77
CA VAL A 230 -55.24 5.97 17.87
C VAL A 230 -54.77 6.59 19.17
N GLU A 231 -53.90 7.59 19.09
CA GLU A 231 -53.30 8.23 20.25
C GLU A 231 -53.60 9.73 20.23
N ILE A 232 -53.35 10.36 21.38
CA ILE A 232 -53.61 11.79 21.52
C ILE A 232 -52.56 12.60 20.77
N LYS A 233 -52.95 13.77 20.29
CA LYS A 233 -52.02 14.68 19.63
C LYS A 233 -50.87 15.02 20.56
N GLY A 234 -49.64 14.87 20.06
CA GLY A 234 -48.47 15.16 20.85
C GLY A 234 -47.37 14.13 20.71
N SER A 235 -46.29 14.30 21.46
CA SER A 235 -45.15 13.40 21.44
C SER A 235 -45.16 12.50 22.67
N HIS A 236 -44.49 11.35 22.53
CA HIS A 236 -44.38 10.30 23.55
C HIS A 236 -45.70 9.58 23.76
N HIS A 237 -46.81 10.25 23.53
CA HIS A 237 -48.13 9.64 23.67
C HIS A 237 -49.14 10.30 22.73
N MET B 1 -18.68 -23.13 -16.82
CA MET B 1 -17.52 -22.58 -17.53
C MET B 1 -16.23 -22.96 -16.83
N GLU B 2 -15.22 -23.33 -17.62
CA GLU B 2 -13.89 -23.55 -17.08
C GLU B 2 -13.18 -22.22 -16.86
N VAL B 3 -12.28 -22.19 -15.88
CA VAL B 3 -11.55 -20.97 -15.58
C VAL B 3 -10.62 -20.63 -16.75
N GLN B 4 -10.66 -19.38 -17.20
CA GLN B 4 -9.86 -18.96 -18.34
C GLN B 4 -9.42 -17.52 -18.15
N LEU B 5 -8.19 -17.23 -18.60
CA LEU B 5 -7.64 -15.89 -18.61
C LEU B 5 -7.05 -15.63 -19.98
N VAL B 6 -7.45 -14.53 -20.62
CA VAL B 6 -7.07 -14.21 -21.99
C VAL B 6 -6.42 -12.84 -21.99
N GLU B 7 -5.13 -12.80 -22.33
CA GLU B 7 -4.41 -11.55 -22.45
C GLU B 7 -4.53 -11.00 -23.87
N SER B 8 -4.36 -9.68 -23.99
CA SER B 8 -4.37 -9.01 -25.28
C SER B 8 -3.81 -7.61 -25.11
N GLY B 9 -3.22 -7.08 -26.18
CA GLY B 9 -2.74 -5.72 -26.20
C GLY B 9 -1.25 -5.55 -26.45
N GLY B 10 -0.46 -6.61 -26.46
CA GLY B 10 0.97 -6.48 -26.68
C GLY B 10 1.30 -6.01 -28.10
N GLY B 11 2.58 -5.76 -28.30
CA GLY B 11 3.04 -5.32 -29.60
C GLY B 11 4.40 -4.66 -29.51
N LEU B 12 4.80 -4.05 -30.64
CA LEU B 12 6.08 -3.37 -30.74
C LEU B 12 5.93 -1.91 -30.37
N VAL B 13 6.90 -1.39 -29.61
CA VAL B 13 6.83 -0.04 -29.06
C VAL B 13 8.24 0.54 -29.01
N GLN B 14 8.36 1.82 -29.36
CA GLN B 14 9.63 2.50 -29.26
C GLN B 14 9.93 2.89 -27.81
N PRO B 15 11.20 2.97 -27.43
CA PRO B 15 11.54 3.34 -26.05
C PRO B 15 10.87 4.63 -25.61
N GLY B 16 10.25 4.59 -24.43
CA GLY B 16 9.46 5.69 -23.94
C GLY B 16 7.99 5.65 -24.31
N GLY B 17 7.59 4.71 -25.16
CA GLY B 17 6.21 4.59 -25.58
C GLY B 17 5.33 3.99 -24.50
N SER B 18 4.06 3.84 -24.83
CA SER B 18 3.05 3.35 -23.90
C SER B 18 2.29 2.19 -24.52
N LEU B 19 1.70 1.38 -23.65
CA LEU B 19 0.98 0.18 -24.05
C LEU B 19 0.01 -0.19 -22.93
N ARG B 20 -1.16 -0.70 -23.31
CA ARG B 20 -2.17 -1.14 -22.35
C ARG B 20 -2.51 -2.60 -22.62
N LEU B 21 -2.24 -3.46 -21.64
CA LEU B 21 -2.60 -4.86 -21.70
C LEU B 21 -3.92 -5.10 -20.98
N SER B 22 -4.67 -6.07 -21.48
CA SER B 22 -5.95 -6.47 -20.90
C SER B 22 -5.92 -7.95 -20.57
N CYS B 23 -6.59 -8.33 -19.49
CA CYS B 23 -6.76 -9.73 -19.11
C CYS B 23 -8.25 -9.98 -18.89
N ALA B 24 -8.90 -10.63 -19.86
CA ALA B 24 -10.32 -10.94 -19.75
C ALA B 24 -10.47 -12.30 -19.06
N ALA B 25 -11.15 -12.30 -17.92
CA ALA B 25 -11.32 -13.51 -17.13
C ALA B 25 -12.72 -14.07 -17.30
N SER B 26 -12.82 -15.39 -17.16
CA SER B 26 -14.10 -16.09 -17.27
C SER B 26 -14.04 -17.35 -16.44
N GLY B 27 -15.21 -17.85 -16.08
CA GLY B 27 -15.32 -19.01 -15.22
C GLY B 27 -15.18 -18.73 -13.74
N PHE B 28 -14.87 -17.49 -13.36
CA PHE B 28 -14.77 -17.10 -11.96
C PHE B 28 -14.94 -15.59 -11.88
N ASN B 29 -15.13 -15.11 -10.64
CA ASN B 29 -15.29 -13.69 -10.38
C ASN B 29 -13.97 -13.14 -9.84
N ILE B 30 -13.41 -12.16 -10.55
CA ILE B 30 -12.15 -11.57 -10.13
C ILE B 30 -12.26 -10.79 -8.83
N LYS B 31 -13.49 -10.49 -8.38
CA LYS B 31 -13.68 -9.89 -7.07
C LYS B 31 -13.35 -10.85 -5.93
N ASP B 32 -13.09 -12.12 -6.23
CA ASP B 32 -12.88 -13.14 -5.21
C ASP B 32 -11.41 -13.45 -4.96
N THR B 33 -10.49 -12.85 -5.71
CA THR B 33 -9.08 -13.21 -5.59
C THR B 33 -8.22 -12.08 -6.15
N TYR B 34 -6.92 -12.30 -6.14
CA TYR B 34 -5.96 -11.38 -6.75
C TYR B 34 -5.71 -11.75 -8.19
N ILE B 35 -5.53 -10.74 -9.04
CA ILE B 35 -5.08 -10.91 -10.41
C ILE B 35 -3.65 -10.38 -10.48
N HIS B 36 -2.74 -11.21 -10.99
CA HIS B 36 -1.33 -10.86 -11.09
C HIS B 36 -0.92 -10.64 -12.54
N TRP B 37 0.22 -9.97 -12.71
CA TRP B 37 0.93 -9.93 -13.97
C TRP B 37 2.35 -10.44 -13.73
N VAL B 38 2.74 -11.45 -14.50
CA VAL B 38 4.07 -12.03 -14.42
C VAL B 38 4.66 -12.00 -15.81
N ARG B 39 5.91 -11.55 -15.93
CA ARG B 39 6.55 -11.39 -17.23
C ARG B 39 7.81 -12.26 -17.30
N GLN B 40 8.24 -12.53 -18.53
CA GLN B 40 9.38 -13.39 -18.80
C GLN B 40 10.15 -12.84 -19.99
N ALA B 41 11.30 -12.23 -19.74
CA ALA B 41 12.15 -11.77 -20.82
C ALA B 41 12.67 -12.96 -21.63
N PRO B 42 12.97 -12.76 -22.91
CA PRO B 42 13.40 -13.88 -23.76
C PRO B 42 14.59 -14.63 -23.17
N GLY B 43 14.45 -15.94 -23.03
CA GLY B 43 15.51 -16.77 -22.50
C GLY B 43 15.76 -16.63 -21.01
N LYS B 44 14.90 -15.93 -20.29
CA LYS B 44 15.11 -15.65 -18.88
C LYS B 44 13.99 -16.28 -18.05
N GLY B 45 13.96 -15.94 -16.76
CA GLY B 45 13.03 -16.52 -15.82
C GLY B 45 11.76 -15.70 -15.65
N LEU B 46 10.99 -16.09 -14.63
CA LEU B 46 9.71 -15.45 -14.34
C LEU B 46 9.91 -14.33 -13.32
N GLU B 47 9.29 -13.18 -13.58
CA GLU B 47 9.37 -12.02 -12.71
C GLU B 47 7.97 -11.49 -12.44
N TRP B 48 7.56 -11.53 -11.18
CA TRP B 48 6.29 -10.94 -10.79
C TRP B 48 6.33 -9.44 -10.98
N VAL B 49 5.25 -8.88 -11.52
CA VAL B 49 5.20 -7.48 -11.94
C VAL B 49 4.23 -6.68 -11.09
N ALA B 50 3.01 -7.16 -10.91
CA ALA B 50 1.99 -6.41 -10.19
C ALA B 50 0.86 -7.34 -9.80
N ARG B 51 0.05 -6.88 -8.85
CA ARG B 51 -1.14 -7.60 -8.43
C ARG B 51 -2.19 -6.61 -7.97
N ILE B 52 -3.46 -7.00 -8.10
CA ILE B 52 -4.58 -6.15 -7.70
C ILE B 52 -5.64 -7.02 -7.01
N TYR B 53 -6.26 -6.45 -5.98
CA TYR B 53 -7.43 -7.04 -5.35
C TYR B 53 -8.66 -6.26 -5.81
N PRO B 54 -9.34 -6.70 -6.86
CA PRO B 54 -10.39 -5.87 -7.48
C PRO B 54 -11.55 -5.53 -6.55
N THR B 55 -11.70 -6.22 -5.41
CA THR B 55 -12.77 -5.90 -4.49
C THR B 55 -12.65 -4.48 -3.96
N ASN B 56 -11.44 -4.09 -3.55
CA ASN B 56 -11.23 -2.79 -2.93
C ASN B 56 -10.13 -1.96 -3.61
N GLY B 57 -9.61 -2.41 -4.75
CA GLY B 57 -8.65 -1.62 -5.50
C GLY B 57 -7.23 -1.63 -4.96
N TYR B 58 -6.93 -2.49 -3.99
CA TYR B 58 -5.57 -2.60 -3.47
C TYR B 58 -4.63 -3.08 -4.57
N THR B 59 -3.52 -2.36 -4.75
CA THR B 59 -2.54 -2.67 -5.78
C THR B 59 -1.13 -2.61 -5.21
N ARG B 60 -0.26 -3.47 -5.74
CA ARG B 60 1.16 -3.46 -5.40
C ARG B 60 1.96 -3.78 -6.66
N TYR B 61 3.24 -3.41 -6.63
CA TYR B 61 4.08 -3.51 -7.81
C TYR B 61 5.48 -3.98 -7.43
N ALA B 62 6.16 -4.57 -8.40
CA ALA B 62 7.60 -4.76 -8.29
C ALA B 62 8.31 -3.41 -8.44
N ASP B 63 9.46 -3.29 -7.78
CA ASP B 63 10.20 -2.03 -7.81
C ASP B 63 10.65 -1.67 -9.23
N SER B 64 10.86 -2.67 -10.08
CA SER B 64 11.34 -2.42 -11.44
C SER B 64 10.32 -1.70 -12.32
N VAL B 65 9.07 -1.60 -11.90
CA VAL B 65 8.02 -0.96 -12.69
C VAL B 65 7.29 0.13 -11.93
N LYS B 66 7.67 0.41 -10.69
CA LYS B 66 6.96 1.40 -9.89
C LYS B 66 7.06 2.78 -10.53
N GLY B 67 5.92 3.48 -10.58
CA GLY B 67 5.84 4.79 -11.19
C GLY B 67 5.61 4.80 -12.68
N ARG B 68 5.80 3.66 -13.35
CA ARG B 68 5.60 3.56 -14.79
C ARG B 68 4.45 2.65 -15.18
N PHE B 69 4.21 1.59 -14.42
CA PHE B 69 3.10 0.67 -14.69
C PHE B 69 1.96 0.95 -13.72
N THR B 70 0.73 0.75 -14.20
CA THR B 70 -0.45 0.90 -13.35
C THR B 70 -1.40 -0.25 -13.63
N ILE B 71 -1.68 -1.06 -12.62
CA ILE B 71 -2.64 -2.14 -12.74
C ILE B 71 -4.01 -1.63 -12.29
N SER B 72 -5.05 -2.07 -12.98
CA SER B 72 -6.41 -1.64 -12.70
C SER B 72 -7.36 -2.74 -13.11
N ALA B 73 -8.62 -2.58 -12.73
CA ALA B 73 -9.64 -3.61 -12.99
C ALA B 73 -10.98 -2.95 -13.28
N ASP B 74 -11.80 -3.65 -14.06
CA ASP B 74 -13.18 -3.28 -14.33
C ASP B 74 -14.02 -4.51 -14.00
N THR B 75 -14.59 -4.52 -12.80
CA THR B 75 -15.35 -5.69 -12.34
C THR B 75 -16.59 -5.90 -13.20
N SER B 76 -17.14 -4.83 -13.79
CA SER B 76 -18.31 -4.99 -14.65
C SER B 76 -17.98 -5.80 -15.90
N LYS B 77 -16.72 -5.77 -16.35
CA LYS B 77 -16.28 -6.57 -17.48
C LYS B 77 -15.44 -7.77 -17.08
N ASN B 78 -15.25 -8.00 -15.78
CA ASN B 78 -14.44 -9.12 -15.27
C ASN B 78 -13.05 -9.11 -15.91
N THR B 79 -12.47 -7.92 -16.03
CA THR B 79 -11.24 -7.75 -16.79
C THR B 79 -10.26 -6.88 -16.01
N ALA B 80 -9.00 -7.30 -15.98
CA ALA B 80 -7.91 -6.53 -15.40
C ALA B 80 -7.08 -5.88 -16.48
N TYR B 81 -6.40 -4.80 -16.12
CA TYR B 81 -5.62 -4.02 -17.07
C TYR B 81 -4.24 -3.72 -16.50
N LEU B 82 -3.27 -3.57 -17.39
CA LEU B 82 -1.91 -3.15 -17.03
C LEU B 82 -1.49 -2.06 -18.01
N GLN B 83 -1.50 -0.81 -17.53
CA GLN B 83 -1.05 0.33 -18.32
C GLN B 83 0.45 0.49 -18.12
N MET B 84 1.20 0.45 -19.23
CA MET B 84 2.65 0.52 -19.20
C MET B 84 3.11 1.79 -19.89
N ASN B 85 3.65 2.73 -19.12
CA ASN B 85 4.20 3.97 -19.64
C ASN B 85 5.72 3.97 -19.51
N SER B 86 6.34 4.91 -20.21
CA SER B 86 7.80 5.07 -20.20
C SER B 86 8.49 3.74 -20.47
N LEU B 87 8.02 3.05 -21.51
CA LEU B 87 8.50 1.70 -21.79
C LEU B 87 9.99 1.72 -22.10
N THR B 88 10.59 0.54 -22.06
CA THR B 88 12.02 0.44 -21.82
C THR B 88 12.51 -0.94 -22.22
N ALA B 89 13.73 -0.99 -22.74
CA ALA B 89 14.26 -2.23 -23.30
C ALA B 89 14.26 -3.36 -22.28
N CYS B 90 14.41 -3.03 -21.00
CA CYS B 90 14.32 -4.05 -19.95
C CYS B 90 12.90 -4.54 -19.72
N ASP B 91 11.91 -3.91 -20.35
CA ASP B 91 10.52 -4.35 -20.22
C ASP B 91 10.10 -5.30 -21.33
N THR B 92 10.97 -5.58 -22.30
CA THR B 92 10.66 -6.53 -23.36
C THR B 92 10.49 -7.92 -22.78
N ALA B 93 9.30 -8.49 -22.88
CA ALA B 93 9.00 -9.78 -22.29
C ALA B 93 7.63 -10.24 -22.74
N VAL B 94 7.38 -11.53 -22.55
CA VAL B 94 6.02 -12.07 -22.66
C VAL B 94 5.33 -11.85 -21.32
N TYR B 95 4.15 -11.21 -21.36
CA TYR B 95 3.45 -10.83 -20.14
C TYR B 95 2.29 -11.79 -19.91
N TYR B 96 2.35 -12.52 -18.80
CA TYR B 96 1.32 -13.48 -18.43
C TYR B 96 0.35 -12.88 -17.44
N CYS B 97 -0.94 -13.10 -17.66
CA CYS B 97 -1.96 -12.89 -16.66
C CYS B 97 -2.09 -14.16 -15.81
N SER B 98 -2.34 -13.97 -14.51
CA SER B 98 -2.52 -15.10 -13.62
C SER B 98 -3.34 -14.65 -12.43
N ARG B 99 -3.79 -15.63 -11.64
CA ARG B 99 -4.61 -15.38 -10.48
C ARG B 99 -4.14 -16.25 -9.33
N TRP B 100 -4.41 -15.80 -8.11
CA TRP B 100 -4.29 -16.66 -6.95
C TRP B 100 -5.54 -17.53 -6.84
N GLY B 101 -5.38 -18.72 -6.28
CA GLY B 101 -6.42 -19.72 -6.32
C GLY B 101 -7.65 -19.40 -5.49
N GLY B 102 -7.52 -18.54 -4.50
CA GLY B 102 -8.61 -18.21 -3.61
C GLY B 102 -8.19 -18.29 -2.16
N ASP B 103 -9.16 -18.03 -1.28
CA ASP B 103 -8.89 -17.95 0.15
C ASP B 103 -8.26 -19.23 0.67
N GLY B 104 -7.12 -19.09 1.34
CA GLY B 104 -6.39 -20.24 1.83
C GLY B 104 -5.64 -21.02 0.77
N PHE B 105 -5.49 -20.47 -0.43
CA PHE B 105 -4.86 -21.15 -1.56
C PHE B 105 -4.10 -20.09 -2.37
N TYR B 106 -2.84 -19.85 -1.99
CA TYR B 106 -2.06 -18.75 -2.53
C TYR B 106 -1.14 -19.19 -3.66
N ALA B 107 -1.50 -20.23 -4.39
CA ALA B 107 -0.76 -20.61 -5.58
C ALA B 107 -1.41 -20.00 -6.82
N MET B 108 -0.61 -19.86 -7.88
CA MET B 108 -1.12 -19.34 -9.15
C MET B 108 -1.59 -20.53 -9.97
N ASP B 109 -2.87 -20.89 -9.79
CA ASP B 109 -3.38 -22.12 -10.38
C ASP B 109 -3.74 -21.96 -11.85
N TYR B 110 -4.08 -20.75 -12.29
CA TYR B 110 -4.51 -20.52 -13.66
C TYR B 110 -3.72 -19.36 -14.26
N TRP B 111 -3.17 -19.59 -15.45
CA TRP B 111 -2.40 -18.59 -16.17
C TRP B 111 -3.00 -18.39 -17.56
N GLY B 112 -2.82 -17.18 -18.10
CA GLY B 112 -3.16 -16.94 -19.49
C GLY B 112 -2.06 -17.43 -20.42
N GLN B 113 -2.32 -17.31 -21.72
CA GLN B 113 -1.36 -17.77 -22.71
C GLN B 113 -0.18 -16.81 -22.86
N GLY B 114 -0.33 -15.56 -22.44
CA GLY B 114 0.75 -14.59 -22.55
C GLY B 114 0.66 -13.77 -23.82
N THR B 115 1.06 -12.51 -23.71
CA THR B 115 1.12 -11.59 -24.84
C THR B 115 2.49 -10.95 -24.88
N LEU B 116 3.04 -10.83 -26.10
CA LEU B 116 4.41 -10.39 -26.28
C LEU B 116 4.49 -8.87 -26.36
N VAL B 117 5.39 -8.28 -25.57
CA VAL B 117 5.67 -6.85 -25.59
C VAL B 117 7.14 -6.68 -25.95
N THR B 118 7.40 -5.93 -27.03
CA THR B 118 8.75 -5.72 -27.51
C THR B 118 9.03 -4.22 -27.60
N VAL B 119 10.05 -3.77 -26.88
CA VAL B 119 10.50 -2.38 -26.93
C VAL B 119 11.71 -2.32 -27.85
N SER B 120 11.59 -1.53 -28.92
CA SER B 120 12.56 -1.56 -30.01
C SER B 120 13.86 -0.85 -29.65
N SER B 121 14.28 0.10 -30.49
CA SER B 121 15.53 0.81 -30.30
C SER B 121 15.57 2.09 -31.12
N GLY B 124 11.27 1.78 -37.58
CA GLY B 124 12.31 1.61 -36.60
C GLY B 124 12.67 2.90 -35.88
N GLY B 125 11.79 3.88 -35.95
CA GLY B 125 11.99 5.16 -35.31
C GLY B 125 12.15 6.28 -36.33
N SER B 126 11.84 7.50 -35.89
CA SER B 126 11.93 8.68 -36.74
C SER B 126 13.27 9.40 -36.61
N ASP B 127 14.09 9.05 -35.62
CA ASP B 127 15.37 9.68 -35.44
C ASP B 127 16.32 9.36 -36.59
N ILE B 128 17.26 10.27 -36.83
CA ILE B 128 18.28 10.02 -37.84
C ILE B 128 19.27 9.00 -37.30
N GLN B 129 19.53 7.95 -38.09
CA GLN B 129 20.46 6.91 -37.69
C GLN B 129 21.86 7.23 -38.21
N MET B 130 22.86 6.95 -37.38
CA MET B 130 24.27 7.11 -37.73
C MET B 130 24.93 5.75 -37.68
N THR B 131 25.21 5.17 -38.85
CA THR B 131 25.78 3.83 -38.95
C THR B 131 27.29 3.95 -39.10
N GLN B 132 28.02 3.53 -38.07
CA GLN B 132 29.47 3.66 -38.01
C GLN B 132 30.14 2.33 -38.31
N SER B 133 31.27 2.38 -39.00
CA SER B 133 32.02 1.17 -39.31
C SER B 133 33.49 1.52 -39.45
N PRO B 134 34.41 0.65 -38.99
CA PRO B 134 34.10 -0.62 -38.34
C PRO B 134 33.69 -0.43 -36.89
N SER B 135 33.31 -1.51 -36.21
CA SER B 135 33.03 -1.42 -34.78
C SER B 135 34.29 -1.52 -33.94
N SER B 136 35.35 -2.14 -34.47
CA SER B 136 36.62 -2.24 -33.76
C SER B 136 37.74 -2.35 -34.80
N LEU B 137 38.92 -1.87 -34.42
CA LEU B 137 40.06 -1.87 -35.33
C LEU B 137 41.35 -2.05 -34.53
N SER B 138 42.15 -3.04 -34.91
CA SER B 138 43.48 -3.25 -34.36
C SER B 138 44.48 -2.58 -35.29
N ALA B 139 45.27 -1.65 -34.76
CA ALA B 139 46.19 -0.88 -35.57
C ALA B 139 47.51 -0.71 -34.84
N SER B 140 48.56 -0.47 -35.62
CA SER B 140 49.89 -0.22 -35.09
C SER B 140 50.18 1.28 -35.12
N VAL B 141 51.11 1.71 -34.26
CA VAL B 141 51.51 3.10 -34.23
C VAL B 141 52.11 3.49 -35.57
N GLY B 142 51.61 4.57 -36.15
CA GLY B 142 52.03 5.00 -37.46
C GLY B 142 51.13 4.56 -38.60
N ASP B 143 50.15 3.70 -38.33
CA ASP B 143 49.21 3.29 -39.35
C ASP B 143 48.32 4.45 -39.77
N ARG B 144 47.83 4.38 -41.00
CA ARG B 144 46.78 5.29 -41.46
C ARG B 144 45.43 4.64 -41.17
N VAL B 145 44.51 5.41 -40.60
CA VAL B 145 43.25 4.88 -40.08
C VAL B 145 42.11 5.71 -40.65
N THR B 146 41.07 5.03 -41.14
CA THR B 146 39.86 5.69 -41.63
C THR B 146 38.65 5.08 -40.94
N ILE B 147 37.82 5.93 -40.34
CA ILE B 147 36.55 5.53 -39.75
C ILE B 147 35.45 6.26 -40.50
N THR B 148 34.43 5.54 -40.94
CA THR B 148 33.37 6.12 -41.73
C THR B 148 32.03 5.97 -41.03
N CYS B 149 31.12 6.89 -41.32
CA CYS B 149 29.79 6.90 -40.74
C CYS B 149 28.79 7.38 -41.77
N ARG B 150 27.68 6.67 -41.89
CA ARG B 150 26.62 7.01 -42.84
C ARG B 150 25.39 7.47 -42.08
N ALA B 151 24.89 8.65 -42.42
CA ALA B 151 23.63 9.14 -41.88
C ALA B 151 22.48 8.61 -42.71
N SER B 152 21.37 8.29 -42.04
CA SER B 152 20.22 7.72 -42.72
C SER B 152 19.47 8.74 -43.57
N GLN B 153 19.82 10.02 -43.49
CA GLN B 153 19.24 11.05 -44.34
C GLN B 153 20.16 12.26 -44.30
N ASP B 154 19.81 13.28 -45.10
CA ASP B 154 20.67 14.45 -45.23
C ASP B 154 20.79 15.18 -43.89
N VAL B 155 22.04 15.42 -43.48
CA VAL B 155 22.31 16.14 -42.24
C VAL B 155 23.22 17.33 -42.55
N ASN B 156 23.34 17.67 -43.83
CA ASN B 156 24.15 18.79 -44.31
C ASN B 156 25.58 18.54 -43.85
N THR B 157 26.22 19.47 -43.14
CA THR B 157 27.54 19.23 -42.56
C THR B 157 27.50 19.26 -41.04
N ALA B 158 26.31 19.18 -40.44
CA ALA B 158 26.15 19.25 -38.99
C ALA B 158 26.55 17.93 -38.33
N VAL B 159 27.83 17.60 -38.47
CA VAL B 159 28.39 16.35 -37.96
C VAL B 159 29.66 16.68 -37.19
N ALA B 160 29.83 16.03 -36.04
CA ALA B 160 31.03 16.17 -35.22
C ALA B 160 31.61 14.80 -34.92
N TRP B 161 32.92 14.77 -34.69
CA TRP B 161 33.63 13.55 -34.33
C TRP B 161 34.20 13.70 -32.93
N TYR B 162 34.04 12.67 -32.11
CA TYR B 162 34.47 12.72 -30.71
C TYR B 162 35.40 11.54 -30.42
N GLN B 163 36.25 11.74 -29.41
CA GLN B 163 37.19 10.73 -28.96
C GLN B 163 37.00 10.52 -27.46
N GLN B 164 36.95 9.26 -27.04
CA GLN B 164 36.75 8.91 -25.64
C GLN B 164 37.76 7.87 -25.21
N LYS B 165 38.64 8.23 -24.29
CA LYS B 165 39.55 7.29 -23.66
C LYS B 165 38.83 6.54 -22.54
N PRO B 166 39.34 5.36 -22.17
CA PRO B 166 38.70 4.59 -21.08
C PRO B 166 38.64 5.40 -19.79
N GLY B 167 37.42 5.53 -19.26
CA GLY B 167 37.21 6.24 -18.02
C GLY B 167 37.18 7.75 -18.13
N LYS B 168 37.13 8.30 -19.35
CA LYS B 168 37.12 9.73 -19.55
C LYS B 168 35.89 10.14 -20.35
N ALA B 169 35.66 11.46 -20.42
CA ALA B 169 34.57 12.01 -21.20
C ALA B 169 34.94 12.10 -22.66
N PRO B 170 33.96 12.16 -23.56
CA PRO B 170 34.26 12.39 -24.98
C PRO B 170 34.93 13.75 -25.18
N LYS B 171 35.83 13.80 -26.15
CA LYS B 171 36.58 14.99 -26.47
C LYS B 171 36.37 15.35 -27.94
N LEU B 172 36.03 16.61 -28.20
CA LEU B 172 35.71 17.03 -29.56
C LEU B 172 36.97 17.09 -30.42
N LEU B 173 36.90 16.47 -31.60
CA LEU B 173 37.98 16.51 -32.58
C LEU B 173 37.64 17.32 -33.82
N ILE B 174 36.52 17.00 -34.46
CA ILE B 174 36.11 17.62 -35.72
C ILE B 174 34.71 18.19 -35.54
N TYR B 175 34.49 19.39 -36.06
CA TYR B 175 33.16 19.98 -36.02
C TYR B 175 32.75 20.41 -37.42
N SER B 176 31.43 20.47 -37.65
CA SER B 176 30.86 20.79 -38.96
C SER B 176 31.53 19.97 -40.05
N ALA B 177 31.69 18.67 -39.79
CA ALA B 177 32.08 17.66 -40.77
C ALA B 177 33.58 17.60 -41.07
N SER B 178 34.26 18.76 -41.15
CA SER B 178 35.65 18.71 -41.58
C SER B 178 36.54 19.78 -40.97
N PHE B 179 36.08 20.53 -39.97
CA PHE B 179 36.90 21.57 -39.35
C PHE B 179 37.61 21.01 -38.12
N LEU B 180 38.91 21.23 -38.05
CA LEU B 180 39.72 20.73 -36.94
C LEU B 180 39.51 21.61 -35.71
N TYR B 181 39.15 20.99 -34.59
CA TYR B 181 38.98 21.72 -33.35
C TYR B 181 40.33 22.21 -32.84
N SER B 182 40.34 23.41 -32.25
CA SER B 182 41.58 24.02 -31.79
C SER B 182 42.28 23.14 -30.76
N GLY B 183 43.57 22.89 -30.99
CA GLY B 183 44.37 22.07 -30.11
C GLY B 183 44.48 20.62 -30.53
N VAL B 184 43.62 20.16 -31.42
CA VAL B 184 43.68 18.77 -31.90
C VAL B 184 44.75 18.67 -32.98
N PRO B 185 45.62 17.66 -32.93
CA PRO B 185 46.71 17.57 -33.92
C PRO B 185 46.20 17.52 -35.34
N SER B 186 47.06 17.93 -36.27
CA SER B 186 46.70 18.03 -37.68
C SER B 186 46.62 16.67 -38.37
N ARG B 187 47.04 15.59 -37.71
CA ARG B 187 46.86 14.27 -38.28
C ARG B 187 45.40 13.83 -38.32
N PHE B 188 44.53 14.51 -37.58
CA PHE B 188 43.10 14.27 -37.64
C PHE B 188 42.48 15.15 -38.72
N SER B 189 41.58 14.56 -39.50
CA SER B 189 40.84 15.31 -40.51
C SER B 189 39.50 14.63 -40.77
N GLY B 190 38.52 15.42 -41.19
CA GLY B 190 37.22 14.91 -41.53
C GLY B 190 36.85 15.27 -42.95
N SER B 191 35.86 14.57 -43.48
CA SER B 191 35.39 14.79 -44.84
C SER B 191 33.96 14.30 -44.97
N ARG B 192 33.22 14.93 -45.88
CA ARG B 192 31.84 14.56 -46.16
C ARG B 192 31.70 14.21 -47.64
N SER B 193 31.06 13.07 -47.91
CA SER B 193 30.68 12.67 -49.25
C SER B 193 29.20 12.28 -49.20
N GLY B 194 28.32 13.22 -49.54
CA GLY B 194 26.89 12.99 -49.43
C GLY B 194 26.44 12.83 -48.00
N THR B 195 26.00 11.62 -47.65
CA THR B 195 25.67 11.28 -46.27
C THR B 195 26.73 10.41 -45.60
N ASP B 196 27.88 10.26 -46.24
CA ASP B 196 29.00 9.50 -45.68
C ASP B 196 30.02 10.46 -45.10
N PHE B 197 30.38 10.25 -43.83
CA PHE B 197 31.33 11.09 -43.13
C PHE B 197 32.49 10.23 -42.65
N THR B 198 33.71 10.69 -42.90
CA THR B 198 34.90 9.88 -42.68
C THR B 198 35.90 10.63 -41.81
N LEU B 199 36.36 9.96 -40.75
CA LEU B 199 37.45 10.47 -39.91
C LEU B 199 38.74 9.76 -40.30
N THR B 200 39.78 10.56 -40.56
CA THR B 200 41.06 10.04 -41.00
C THR B 200 42.15 10.45 -40.03
N ILE B 201 42.93 9.48 -39.55
CA ILE B 201 44.13 9.73 -38.77
C ILE B 201 45.31 9.36 -39.67
N SER B 202 46.05 10.37 -40.13
CA SER B 202 47.08 10.14 -41.14
C SER B 202 48.17 9.19 -40.64
N SER B 203 48.58 9.35 -39.38
CA SER B 203 49.58 8.47 -38.78
C SER B 203 49.18 8.25 -37.32
N LEU B 204 48.79 7.03 -36.99
CA LEU B 204 48.25 6.75 -35.66
C LEU B 204 49.35 6.84 -34.61
N GLN B 205 49.10 7.63 -33.58
CA GLN B 205 50.03 7.90 -32.49
C GLN B 205 49.64 7.09 -31.25
N PRO B 206 50.58 6.89 -30.32
CA PRO B 206 50.27 6.06 -29.13
C PRO B 206 49.17 6.63 -28.27
N GLU B 207 48.92 7.93 -28.31
CA GLU B 207 47.85 8.55 -27.53
C GLU B 207 46.52 8.53 -28.26
N ASP B 208 46.44 7.91 -29.44
CA ASP B 208 45.24 7.92 -30.26
C ASP B 208 44.37 6.69 -30.07
N PHE B 209 44.79 5.73 -29.24
CA PHE B 209 43.98 4.54 -29.02
C PHE B 209 42.82 4.89 -28.10
N ALA B 210 41.60 4.81 -28.63
CA ALA B 210 40.39 5.19 -27.92
C ALA B 210 39.20 4.68 -28.72
N THR B 211 38.01 5.09 -28.29
CA THR B 211 36.78 4.83 -29.02
C THR B 211 36.30 6.14 -29.64
N TYR B 212 35.94 6.09 -30.92
CA TYR B 212 35.59 7.29 -31.68
C TYR B 212 34.11 7.25 -32.05
N TYR B 213 33.43 8.38 -31.84
CA TYR B 213 32.00 8.49 -32.08
C TYR B 213 31.72 9.58 -33.11
N CYS B 214 30.88 9.26 -34.08
CA CYS B 214 30.30 10.26 -34.96
C CYS B 214 28.97 10.72 -34.40
N GLN B 215 28.67 12.00 -34.61
CA GLN B 215 27.44 12.58 -34.09
C GLN B 215 26.88 13.58 -35.08
N GLN B 216 25.58 13.49 -35.34
CA GLN B 216 24.88 14.49 -36.12
C GLN B 216 24.06 15.38 -35.19
N HIS B 217 24.07 16.68 -35.48
CA HIS B 217 23.25 17.64 -34.74
C HIS B 217 22.42 18.48 -35.70
N TYR B 218 22.05 17.89 -36.84
CA TYR B 218 21.20 18.60 -37.80
C TYR B 218 19.79 18.75 -37.26
N THR B 219 19.27 17.73 -36.57
CA THR B 219 17.96 17.76 -35.95
C THR B 219 18.09 17.40 -34.47
N THR B 220 16.96 17.51 -33.76
CA THR B 220 16.84 17.11 -32.37
C THR B 220 15.91 15.92 -32.27
N PRO B 221 16.31 14.83 -31.58
CA PRO B 221 17.54 14.69 -30.79
C PRO B 221 18.79 14.45 -31.64
N PRO B 222 19.94 14.87 -31.13
CA PRO B 222 21.20 14.50 -31.78
C PRO B 222 21.49 13.02 -31.55
N THR B 223 22.05 12.37 -32.57
CA THR B 223 22.26 10.93 -32.52
C THR B 223 23.73 10.62 -32.77
N PHE B 224 24.23 9.60 -32.07
CA PHE B 224 25.61 9.18 -32.17
C PHE B 224 25.70 7.83 -32.90
N GLY B 225 26.82 7.64 -33.59
CA GLY B 225 27.15 6.33 -34.08
C GLY B 225 27.47 5.38 -32.93
N GLN B 226 27.51 4.09 -33.25
CA GLN B 226 27.75 3.08 -32.24
C GLN B 226 29.16 3.14 -31.66
N GLY B 227 30.09 3.75 -32.38
CA GLY B 227 31.44 3.88 -31.87
C GLY B 227 32.39 2.88 -32.50
N THR B 228 33.65 3.28 -32.60
CA THR B 228 34.72 2.45 -33.17
C THR B 228 35.87 2.41 -32.19
N LYS B 229 36.15 1.24 -31.63
CA LYS B 229 37.25 1.06 -30.70
C LYS B 229 38.53 0.76 -31.48
N VAL B 230 39.51 1.64 -31.37
CA VAL B 230 40.81 1.47 -32.00
C VAL B 230 41.77 0.95 -30.94
N GLU B 231 42.20 -0.29 -31.09
CA GLU B 231 43.09 -0.95 -30.14
C GLU B 231 44.49 -1.10 -30.74
N ILE B 232 45.47 -1.27 -29.87
CA ILE B 232 46.87 -1.31 -30.29
C ILE B 232 47.21 -2.68 -30.84
N LYS B 233 47.99 -2.69 -31.92
CA LYS B 233 48.55 -3.90 -32.50
C LYS B 233 50.07 -3.86 -32.32
N GLY B 234 50.60 -4.78 -31.55
CA GLY B 234 52.02 -4.81 -31.25
C GLY B 234 52.31 -4.41 -29.81
N SER B 235 53.54 -3.95 -29.60
CA SER B 235 53.97 -3.55 -28.27
C SER B 235 55.15 -2.59 -28.39
N HIS B 236 55.31 -1.75 -27.36
CA HIS B 236 56.44 -0.84 -27.27
C HIS B 236 57.19 -0.98 -25.94
N HIS B 237 56.82 -1.96 -25.12
CA HIS B 237 57.53 -2.22 -23.87
C HIS B 237 58.84 -2.95 -24.14
N GLU C 2 5.00 10.50 18.03
CA GLU C 2 5.76 11.72 17.78
C GLU C 2 5.82 12.03 16.28
N VAL C 3 4.66 11.98 15.64
CA VAL C 3 4.57 12.24 14.20
C VAL C 3 4.85 13.71 13.93
N GLN C 4 5.74 13.99 12.99
CA GLN C 4 6.12 15.36 12.68
C GLN C 4 6.57 15.46 11.23
N LEU C 5 6.13 16.51 10.55
CA LEU C 5 6.59 16.87 9.22
C LEU C 5 7.24 18.25 9.28
N VAL C 6 8.37 18.40 8.60
CA VAL C 6 9.14 19.64 8.62
C VAL C 6 9.52 19.99 7.19
N GLU C 7 8.98 21.11 6.68
CA GLU C 7 9.30 21.58 5.35
C GLU C 7 10.54 22.46 5.37
N SER C 8 11.24 22.49 4.24
CA SER C 8 12.41 23.35 4.07
C SER C 8 12.57 23.67 2.59
N GLY C 9 13.37 24.69 2.31
CA GLY C 9 13.73 25.05 0.95
C GLY C 9 13.06 26.30 0.41
N GLY C 10 12.12 26.89 1.13
CA GLY C 10 11.45 28.07 0.65
C GLY C 10 12.35 29.30 0.67
N GLY C 11 11.87 30.36 0.02
CA GLY C 11 12.61 31.60 -0.02
C GLY C 11 12.18 32.44 -1.21
N LEU C 12 13.01 33.42 -1.54
CA LEU C 12 12.77 34.30 -2.67
C LEU C 12 13.38 33.71 -3.93
N VAL C 13 12.61 33.74 -5.02
CA VAL C 13 13.02 33.13 -6.28
C VAL C 13 12.63 34.07 -7.42
N GLN C 14 13.54 34.21 -8.39
CA GLN C 14 13.26 35.04 -9.55
C GLN C 14 12.16 34.39 -10.40
N PRO C 15 11.20 35.16 -10.89
CA PRO C 15 10.15 34.60 -11.76
C PRO C 15 10.76 33.91 -12.96
N GLY C 16 10.16 32.77 -13.34
CA GLY C 16 10.73 31.91 -14.35
C GLY C 16 11.76 30.93 -13.83
N GLY C 17 12.27 31.13 -12.62
CA GLY C 17 13.23 30.23 -12.03
C GLY C 17 12.58 28.97 -11.48
N SER C 18 13.40 28.18 -10.79
CA SER C 18 12.97 26.90 -10.26
C SER C 18 13.37 26.78 -8.80
N LEU C 19 12.71 25.84 -8.10
CA LEU C 19 12.92 25.64 -6.67
C LEU C 19 12.47 24.23 -6.31
N ARG C 20 13.13 23.66 -5.30
CA ARG C 20 12.77 22.34 -4.78
C ARG C 20 12.53 22.45 -3.28
N LEU C 21 11.32 22.08 -2.85
CA LEU C 21 11.00 22.00 -1.44
C LEU C 21 11.18 20.58 -0.94
N SER C 22 11.47 20.46 0.35
CA SER C 22 11.65 19.15 0.98
C SER C 22 10.75 19.06 2.21
N CYS C 23 10.28 17.85 2.48
CA CYS C 23 9.39 17.59 3.62
C CYS C 23 9.96 16.40 4.40
N ALA C 24 10.63 16.69 5.51
CA ALA C 24 11.23 15.65 6.35
C ALA C 24 10.22 15.16 7.37
N ALA C 25 10.02 13.84 7.41
CA ALA C 25 9.04 13.22 8.28
C ALA C 25 9.72 12.36 9.34
N SER C 26 9.08 12.28 10.50
CA SER C 26 9.54 11.43 11.59
C SER C 26 8.33 10.91 12.34
N GLY C 27 8.53 9.84 13.09
CA GLY C 27 7.46 9.18 13.80
C GLY C 27 6.66 8.20 12.97
N PHE C 28 6.90 8.13 11.66
CA PHE C 28 6.22 7.20 10.77
C PHE C 28 7.00 7.15 9.47
N ASN C 29 6.76 6.10 8.69
CA ASN C 29 7.40 5.92 7.40
C ASN C 29 6.50 6.46 6.31
N ILE C 30 7.03 7.39 5.50
CA ILE C 30 6.23 8.01 4.44
C ILE C 30 5.83 7.00 3.38
N LYS C 31 6.55 5.87 3.28
CA LYS C 31 6.19 4.85 2.30
C LYS C 31 4.81 4.28 2.53
N ASP C 32 4.28 4.38 3.76
CA ASP C 32 3.02 3.72 4.09
C ASP C 32 1.79 4.55 3.74
N THR C 33 1.93 5.87 3.57
CA THR C 33 0.77 6.73 3.38
C THR C 33 1.00 7.66 2.18
N TYR C 34 -0.08 8.34 1.79
CA TYR C 34 -0.01 9.41 0.82
C TYR C 34 0.53 10.67 1.49
N ILE C 35 1.46 11.34 0.81
CA ILE C 35 1.98 12.63 1.25
C ILE C 35 1.47 13.69 0.29
N HIS C 36 0.95 14.79 0.85
CA HIS C 36 0.34 15.85 0.06
C HIS C 36 1.14 17.13 0.18
N TRP C 37 0.99 17.99 -0.81
CA TRP C 37 1.47 19.37 -0.76
C TRP C 37 0.26 20.28 -0.93
N VAL C 38 0.03 21.16 0.05
CA VAL C 38 -1.05 22.12 0.02
C VAL C 38 -0.44 23.50 0.21
N ARG C 39 -0.85 24.46 -0.63
CA ARG C 39 -0.30 25.80 -0.58
C ARG C 39 -1.40 26.80 -0.23
N GLN C 40 -0.96 27.96 0.27
CA GLN C 40 -1.88 29.02 0.70
C GLN C 40 -1.26 30.36 0.31
N ALA C 41 -1.83 30.99 -0.71
CA ALA C 41 -1.37 32.32 -1.11
C ALA C 41 -1.65 33.32 0.01
N PRO C 42 -0.87 34.41 0.07
CA PRO C 42 -1.05 35.39 1.16
C PRO C 42 -2.47 35.95 1.17
N GLY C 43 -3.15 35.75 2.30
CA GLY C 43 -4.49 36.27 2.47
C GLY C 43 -5.59 35.47 1.80
N LYS C 44 -5.26 34.34 1.19
CA LYS C 44 -6.23 33.52 0.47
C LYS C 44 -6.43 32.18 1.17
N GLY C 45 -7.18 31.30 0.52
CA GLY C 45 -7.53 30.01 1.08
C GLY C 45 -6.48 28.95 0.82
N LEU C 46 -6.90 27.69 0.92
CA LEU C 46 -6.03 26.53 0.78
C LEU C 46 -6.26 25.88 -0.58
N GLU C 47 -5.16 25.52 -1.25
CA GLU C 47 -5.22 24.87 -2.55
C GLU C 47 -4.35 23.63 -2.52
N TRP C 48 -4.95 22.47 -2.82
CA TRP C 48 -4.21 21.23 -2.93
C TRP C 48 -3.35 21.25 -4.19
N VAL C 49 -2.10 20.83 -4.07
CA VAL C 49 -1.11 20.96 -5.15
C VAL C 49 -0.77 19.59 -5.76
N ALA C 50 -0.32 18.65 -4.94
CA ALA C 50 0.12 17.34 -5.45
C ALA C 50 0.10 16.34 -4.30
N ARG C 51 0.21 15.06 -4.67
CA ARG C 51 0.28 13.97 -3.71
C ARG C 51 1.11 12.84 -4.29
N ILE C 52 1.69 12.03 -3.41
CA ILE C 52 2.48 10.88 -3.82
C ILE C 52 2.27 9.76 -2.81
N TYR C 53 2.21 8.52 -3.31
CA TYR C 53 2.17 7.31 -2.50
C TYR C 53 3.44 6.53 -2.82
N PRO C 54 4.50 6.70 -2.02
CA PRO C 54 5.81 6.17 -2.41
C PRO C 54 5.84 4.65 -2.57
N THR C 55 4.99 3.92 -1.86
CA THR C 55 5.00 2.46 -1.96
C THR C 55 4.69 2.01 -3.39
N ASN C 56 3.76 2.68 -4.06
CA ASN C 56 3.36 2.33 -5.41
C ASN C 56 3.92 3.23 -6.48
N GLY C 57 4.51 4.37 -6.10
CA GLY C 57 4.93 5.34 -7.09
C GLY C 57 3.79 6.15 -7.68
N TYR C 58 2.61 6.13 -7.06
CA TYR C 58 1.48 6.89 -7.56
C TYR C 58 1.68 8.38 -7.31
N THR C 59 1.35 9.20 -8.31
CA THR C 59 1.41 10.65 -8.18
C THR C 59 0.20 11.26 -8.88
N ARG C 60 -0.27 12.38 -8.33
CA ARG C 60 -1.34 13.16 -8.94
C ARG C 60 -1.06 14.64 -8.69
N TYR C 61 -1.51 15.48 -9.62
CA TYR C 61 -1.24 16.90 -9.57
C TYR C 61 -2.51 17.69 -9.85
N ALA C 62 -2.58 18.89 -9.26
CA ALA C 62 -3.62 19.83 -9.63
C ALA C 62 -3.35 20.41 -11.01
N ASP C 63 -4.42 20.74 -11.71
CA ASP C 63 -4.29 21.25 -13.09
C ASP C 63 -3.48 22.54 -13.13
N SER C 64 -3.54 23.35 -12.07
CA SER C 64 -2.85 24.63 -12.05
C SER C 64 -1.33 24.49 -12.01
N VAL C 65 -0.80 23.30 -11.72
CA VAL C 65 0.64 23.08 -11.67
C VAL C 65 1.10 21.95 -12.57
N LYS C 66 0.20 21.33 -13.32
CA LYS C 66 0.57 20.20 -14.17
C LYS C 66 1.57 20.63 -15.24
N GLY C 67 2.60 19.82 -15.44
CA GLY C 67 3.65 20.12 -16.39
C GLY C 67 4.77 20.99 -15.84
N ARG C 68 4.58 21.60 -14.68
CA ARG C 68 5.58 22.46 -14.06
C ARG C 68 6.12 21.91 -12.75
N PHE C 69 5.27 21.26 -11.96
CA PHE C 69 5.67 20.72 -10.66
C PHE C 69 5.89 19.23 -10.75
N THR C 70 6.78 18.73 -9.89
CA THR C 70 7.10 17.31 -9.84
C THR C 70 7.30 16.90 -8.39
N ILE C 71 6.50 15.95 -7.92
CA ILE C 71 6.59 15.44 -6.56
C ILE C 71 7.39 14.14 -6.58
N SER C 72 8.18 13.92 -5.53
CA SER C 72 9.01 12.73 -5.44
C SER C 72 9.26 12.42 -3.97
N ALA C 73 9.90 11.29 -3.72
CA ALA C 73 10.17 10.87 -2.36
C ALA C 73 11.50 10.12 -2.30
N ASP C 74 12.13 10.17 -1.12
CA ASP C 74 13.30 9.36 -0.81
C ASP C 74 12.99 8.62 0.48
N THR C 75 12.56 7.36 0.35
CA THR C 75 12.16 6.60 1.53
C THR C 75 13.34 6.30 2.44
N SER C 76 14.56 6.25 1.89
CA SER C 76 15.73 6.02 2.73
C SER C 76 15.94 7.15 3.73
N LYS C 77 15.60 8.38 3.35
CA LYS C 77 15.69 9.52 4.25
C LYS C 77 14.34 9.96 4.80
N ASN C 78 13.27 9.23 4.47
CA ASN C 78 11.92 9.54 4.96
C ASN C 78 11.53 10.98 4.64
N THR C 79 11.81 11.39 3.40
CA THR C 79 11.62 12.77 2.97
C THR C 79 10.92 12.80 1.63
N ALA C 80 10.05 13.80 1.45
CA ALA C 80 9.35 14.03 0.20
C ALA C 80 9.80 15.37 -0.38
N TYR C 81 9.72 15.48 -1.71
CA TYR C 81 10.23 16.64 -2.41
C TYR C 81 9.18 17.17 -3.40
N LEU C 82 9.23 18.48 -3.64
CA LEU C 82 8.40 19.14 -4.63
C LEU C 82 9.29 20.01 -5.50
N GLN C 83 9.55 19.56 -6.73
CA GLN C 83 10.32 20.32 -7.70
C GLN C 83 9.38 21.27 -8.43
N MET C 84 9.66 22.57 -8.34
CA MET C 84 8.84 23.62 -8.95
C MET C 84 9.65 24.29 -10.05
N ASN C 85 9.13 24.25 -11.27
CA ASN C 85 9.80 24.84 -12.42
C ASN C 85 8.92 25.93 -13.03
N SER C 86 9.58 26.89 -13.70
CA SER C 86 8.91 27.98 -14.40
C SER C 86 7.91 28.70 -13.49
N LEU C 87 8.43 29.21 -12.39
CA LEU C 87 7.61 29.81 -11.35
C LEU C 87 7.09 31.18 -11.77
N THR C 88 5.84 31.47 -11.43
CA THR C 88 5.19 32.74 -11.70
C THR C 88 4.76 33.38 -10.39
N ALA C 89 4.28 34.63 -10.50
CA ALA C 89 3.84 35.35 -9.31
C ALA C 89 2.64 34.67 -8.66
N CYS C 90 1.82 33.97 -9.44
CA CYS C 90 0.68 33.26 -8.90
C CYS C 90 1.07 32.05 -8.05
N ASP C 91 2.35 31.66 -8.05
CA ASP C 91 2.83 30.56 -7.23
C ASP C 91 3.35 31.02 -5.87
N THR C 92 3.37 32.32 -5.62
CA THR C 92 3.76 32.83 -4.31
C THR C 92 2.76 32.37 -3.26
N ALA C 93 3.24 31.61 -2.27
CA ALA C 93 2.37 31.04 -1.25
C ALA C 93 3.23 30.40 -0.18
N VAL C 94 2.59 30.10 0.95
CA VAL C 94 3.16 29.20 1.95
C VAL C 94 2.82 27.77 1.55
N TYR C 95 3.82 26.91 1.50
CA TYR C 95 3.65 25.55 1.01
C TYR C 95 3.73 24.58 2.19
N TYR C 96 2.64 23.85 2.43
CA TYR C 96 2.58 22.85 3.48
C TYR C 96 2.66 21.45 2.88
N CYS C 97 3.33 20.55 3.60
CA CYS C 97 3.22 19.13 3.32
C CYS C 97 2.40 18.48 4.42
N SER C 98 1.49 17.58 4.03
CA SER C 98 0.60 16.93 4.97
C SER C 98 0.57 15.44 4.65
N ARG C 99 -0.16 14.69 5.48
CA ARG C 99 -0.20 13.24 5.35
C ARG C 99 -1.64 12.76 5.51
N TRP C 100 -2.02 11.78 4.67
CA TRP C 100 -3.30 11.11 4.84
C TRP C 100 -3.17 10.05 5.93
N GLY C 101 -4.08 10.10 6.90
CA GLY C 101 -4.10 9.13 7.98
C GLY C 101 -5.16 8.07 7.76
N GLY C 102 -4.83 6.83 8.11
CA GLY C 102 -5.78 5.74 8.01
C GLY C 102 -6.31 5.50 6.61
N ASP C 103 -5.45 5.65 5.60
CA ASP C 103 -5.84 5.46 4.20
C ASP C 103 -6.99 6.39 3.81
N GLY C 104 -6.92 7.64 4.25
CA GLY C 104 -7.89 8.65 3.90
C GLY C 104 -9.01 8.84 4.92
N PHE C 105 -9.22 7.86 5.81
CA PHE C 105 -10.31 7.96 6.76
C PHE C 105 -10.14 9.16 7.70
N TYR C 106 -8.92 9.37 8.18
CA TYR C 106 -8.61 10.48 9.07
C TYR C 106 -8.19 11.74 8.33
N ALA C 107 -8.37 11.77 7.01
CA ALA C 107 -8.03 12.93 6.19
C ALA C 107 -6.59 13.37 6.41
N MET C 108 -6.34 14.68 6.37
CA MET C 108 -4.99 15.22 6.56
C MET C 108 -4.79 15.50 8.04
N ASP C 109 -4.35 14.46 8.76
CA ASP C 109 -4.28 14.50 10.21
C ASP C 109 -3.01 15.14 10.74
N TYR C 110 -1.99 15.34 9.91
CA TYR C 110 -0.76 15.97 10.33
C TYR C 110 -0.26 16.89 9.23
N TRP C 111 0.21 18.07 9.62
CA TRP C 111 0.73 19.06 8.70
C TRP C 111 2.09 19.55 9.20
N GLY C 112 2.95 19.92 8.26
CA GLY C 112 4.17 20.61 8.61
C GLY C 112 3.89 22.07 8.92
N GLN C 113 4.93 22.77 9.40
CA GLN C 113 4.76 24.16 9.76
C GLN C 113 4.63 25.07 8.53
N GLY C 114 5.02 24.59 7.35
CA GLY C 114 4.94 25.36 6.14
C GLY C 114 6.23 26.08 5.83
N THR C 115 6.40 26.44 4.55
CA THR C 115 7.56 27.18 4.09
C THR C 115 7.12 28.15 3.01
N LEU C 116 7.63 29.38 3.10
CA LEU C 116 7.18 30.47 2.25
C LEU C 116 7.99 30.53 0.95
N VAL C 117 7.28 30.65 -0.17
CA VAL C 117 7.89 30.81 -1.48
C VAL C 117 7.40 32.12 -2.06
N THR C 118 8.33 33.05 -2.30
CA THR C 118 8.00 34.38 -2.81
C THR C 118 8.63 34.53 -4.19
N VAL C 119 7.78 34.58 -5.22
CA VAL C 119 8.23 34.72 -6.60
C VAL C 119 8.21 36.21 -6.93
N SER C 120 9.39 36.84 -6.90
CA SER C 120 9.51 38.26 -7.16
C SER C 120 10.97 38.57 -7.48
N SER C 121 11.19 39.77 -8.01
CA SER C 121 12.54 40.22 -8.34
C SER C 121 13.34 40.53 -7.10
N GLY C 124 14.64 44.25 -7.48
CA GLY C 124 15.98 44.70 -7.80
C GLY C 124 16.71 43.79 -8.78
N GLY C 125 16.39 43.95 -10.06
CA GLY C 125 16.99 43.18 -11.12
C GLY C 125 17.68 44.07 -12.15
N SER C 126 18.20 43.40 -13.19
CA SER C 126 18.88 44.11 -14.26
C SER C 126 17.92 44.85 -15.18
N ASP C 127 16.62 44.58 -15.08
CA ASP C 127 15.63 45.24 -15.93
C ASP C 127 15.62 46.75 -15.66
N ILE C 128 15.71 47.54 -16.72
CA ILE C 128 15.64 48.98 -16.60
C ILE C 128 14.22 49.38 -16.22
N GLN C 129 14.08 50.08 -15.09
CA GLN C 129 12.77 50.48 -14.60
C GLN C 129 12.40 51.87 -15.11
N MET C 130 11.15 52.02 -15.52
CA MET C 130 10.60 53.29 -15.97
C MET C 130 9.55 53.75 -14.96
N THR C 131 9.82 54.88 -14.31
CA THR C 131 8.96 55.41 -13.26
C THR C 131 8.26 56.65 -13.79
N GLN C 132 6.97 56.51 -14.07
CA GLN C 132 6.17 57.57 -14.67
C GLN C 132 5.43 58.37 -13.60
N SER C 133 5.23 59.66 -13.88
CA SER C 133 4.55 60.56 -12.96
C SER C 133 3.78 61.61 -13.75
N PRO C 134 2.53 61.91 -13.37
CA PRO C 134 1.83 61.26 -12.26
C PRO C 134 1.12 59.99 -12.72
N SER C 135 0.37 59.37 -11.81
CA SER C 135 -0.44 58.22 -12.20
C SER C 135 -1.72 58.65 -12.92
N SER C 136 -2.30 59.77 -12.49
CA SER C 136 -3.50 60.31 -13.12
C SER C 136 -3.47 61.82 -13.01
N LEU C 137 -4.08 62.48 -14.00
CA LEU C 137 -4.14 63.94 -14.04
C LEU C 137 -5.51 64.36 -14.53
N SER C 138 -6.23 65.11 -13.71
CA SER C 138 -7.54 65.66 -14.08
C SER C 138 -7.32 67.08 -14.62
N ALA C 139 -7.43 67.25 -15.93
CA ALA C 139 -7.20 68.52 -16.58
C ALA C 139 -8.45 68.96 -17.34
N SER C 140 -8.34 70.11 -18.00
CA SER C 140 -9.42 70.65 -18.80
C SER C 140 -8.89 70.99 -20.19
N VAL C 141 -9.81 71.08 -21.15
CA VAL C 141 -9.43 71.38 -22.52
C VAL C 141 -8.75 72.74 -22.58
N GLY C 142 -7.62 72.80 -23.28
CA GLY C 142 -6.83 74.00 -23.38
C GLY C 142 -5.62 74.06 -22.47
N ASP C 143 -5.61 73.24 -21.41
CA ASP C 143 -4.51 73.26 -20.46
C ASP C 143 -3.21 72.79 -21.11
N ARG C 144 -2.09 73.15 -20.48
CA ARG C 144 -0.79 72.60 -20.83
C ARG C 144 -0.49 71.42 -19.90
N VAL C 145 -0.02 70.32 -20.48
CA VAL C 145 0.18 69.08 -19.72
C VAL C 145 1.63 68.64 -19.90
N THR C 146 2.24 68.19 -18.81
CA THR C 146 3.57 67.61 -18.83
C THR C 146 3.54 66.28 -18.08
N ILE C 147 3.84 65.19 -18.79
CA ILE C 147 4.00 63.87 -18.20
C ILE C 147 5.49 63.54 -18.19
N THR C 148 5.98 63.07 -17.05
CA THR C 148 7.41 62.79 -16.90
C THR C 148 7.63 61.33 -16.55
N CYS C 149 8.83 60.85 -16.85
CA CYS C 149 9.23 59.49 -16.55
C CYS C 149 10.74 59.43 -16.42
N ARG C 150 11.21 58.74 -15.39
CA ARG C 150 12.64 58.60 -15.12
C ARG C 150 13.06 57.15 -15.33
N ALA C 151 14.17 56.96 -16.03
CA ALA C 151 14.74 55.64 -16.25
C ALA C 151 15.73 55.31 -15.12
N SER C 152 15.71 54.06 -14.69
CA SER C 152 16.58 53.65 -13.58
C SER C 152 18.05 53.75 -13.96
N GLN C 153 18.38 53.57 -15.24
CA GLN C 153 19.74 53.72 -15.73
C GLN C 153 19.72 54.59 -16.97
N ASP C 154 20.92 54.91 -17.47
CA ASP C 154 21.04 55.68 -18.69
C ASP C 154 20.52 54.88 -19.87
N VAL C 155 19.58 55.46 -20.62
CA VAL C 155 19.05 54.86 -21.84
C VAL C 155 19.32 55.72 -23.06
N ASN C 156 20.22 56.70 -22.94
CA ASN C 156 20.48 57.68 -23.98
C ASN C 156 19.17 58.32 -24.44
N THR C 157 18.77 58.04 -25.69
CA THR C 157 17.53 58.58 -26.24
C THR C 157 16.58 57.49 -26.71
N ALA C 158 16.84 56.23 -26.38
CA ALA C 158 16.01 55.11 -26.83
C ALA C 158 14.72 55.04 -26.03
N VAL C 159 13.95 56.12 -26.09
CA VAL C 159 12.70 56.26 -25.35
C VAL C 159 11.60 56.67 -26.32
N ALA C 160 10.45 56.00 -26.23
CA ALA C 160 9.28 56.31 -27.02
C ALA C 160 8.10 56.60 -26.11
N TRP C 161 7.11 57.31 -26.65
CA TRP C 161 5.88 57.63 -25.94
C TRP C 161 4.69 57.10 -26.73
N TYR C 162 3.71 56.53 -26.02
CA TYR C 162 2.55 55.91 -26.64
C TYR C 162 1.28 56.44 -25.99
N GLN C 163 0.23 56.54 -26.80
CA GLN C 163 -1.11 56.89 -26.34
C GLN C 163 -2.04 55.72 -26.56
N GLN C 164 -2.90 55.46 -25.58
CA GLN C 164 -3.87 54.37 -25.68
C GLN C 164 -5.22 54.87 -25.20
N LYS C 165 -6.20 54.85 -26.11
CA LYS C 165 -7.58 55.13 -25.73
C LYS C 165 -8.28 53.83 -25.33
N PRO C 166 -9.31 53.92 -24.50
CA PRO C 166 -9.94 52.69 -23.98
C PRO C 166 -10.42 51.77 -25.10
N GLY C 167 -10.21 50.46 -24.89
CA GLY C 167 -10.59 49.46 -25.85
C GLY C 167 -9.77 49.45 -27.13
N LYS C 168 -8.74 50.27 -27.24
CA LYS C 168 -7.93 50.37 -28.44
C LYS C 168 -6.48 50.06 -28.12
N ALA C 169 -5.73 49.75 -29.18
CA ALA C 169 -4.31 49.46 -29.06
C ALA C 169 -3.51 50.76 -28.89
N PRO C 170 -2.32 50.67 -28.32
CA PRO C 170 -1.48 51.87 -28.19
C PRO C 170 -1.06 52.41 -29.54
N LYS C 171 -0.82 53.73 -29.57
CA LYS C 171 -0.40 54.42 -30.78
C LYS C 171 0.88 55.21 -30.51
N LEU C 172 1.80 55.15 -31.46
CA LEU C 172 3.09 55.83 -31.31
C LEU C 172 2.92 57.33 -31.42
N LEU C 173 3.49 58.07 -30.46
CA LEU C 173 3.48 59.53 -30.48
C LEU C 173 4.87 60.11 -30.71
N ILE C 174 5.80 59.84 -29.79
CA ILE C 174 7.15 60.37 -29.85
C ILE C 174 8.12 59.19 -29.89
N TYR C 175 9.16 59.31 -30.71
CA TYR C 175 10.21 58.30 -30.77
C TYR C 175 11.56 58.98 -30.64
N SER C 176 12.53 58.25 -30.08
CA SER C 176 13.86 58.77 -29.79
C SER C 176 13.78 60.08 -29.00
N ALA C 177 12.98 60.04 -27.93
CA ALA C 177 12.87 61.09 -26.93
C ALA C 177 12.17 62.35 -27.43
N SER C 178 12.52 62.85 -28.61
CA SER C 178 12.03 64.14 -29.07
C SER C 178 11.37 64.12 -30.45
N PHE C 179 11.64 63.13 -31.29
CA PHE C 179 11.16 63.16 -32.67
C PHE C 179 9.68 62.82 -32.73
N LEU C 180 8.92 63.70 -33.38
CA LEU C 180 7.48 63.51 -33.53
C LEU C 180 7.19 62.52 -34.65
N TYR C 181 6.30 61.56 -34.38
CA TYR C 181 5.94 60.56 -35.37
C TYR C 181 5.03 61.16 -36.43
N SER C 182 5.09 60.57 -37.63
CA SER C 182 4.32 61.09 -38.76
C SER C 182 2.82 61.03 -38.48
N GLY C 183 2.13 62.14 -38.72
CA GLY C 183 0.71 62.22 -38.51
C GLY C 183 0.27 62.65 -37.13
N VAL C 184 1.20 62.84 -36.20
CA VAL C 184 0.87 63.24 -34.83
C VAL C 184 0.79 64.77 -34.78
N PRO C 185 -0.22 65.34 -34.13
CA PRO C 185 -0.32 66.80 -34.06
C PRO C 185 0.92 67.43 -33.45
N SER C 186 1.14 68.70 -33.83
CA SER C 186 2.32 69.42 -33.36
C SER C 186 2.25 69.79 -31.89
N ARG C 187 1.06 69.74 -31.29
CA ARG C 187 0.91 70.08 -29.88
C ARG C 187 1.60 69.07 -28.97
N PHE C 188 2.08 67.95 -29.49
CA PHE C 188 2.84 66.97 -28.73
C PHE C 188 4.33 67.21 -28.92
N SER C 189 5.08 67.08 -27.83
CA SER C 189 6.53 67.26 -27.86
C SER C 189 7.16 66.40 -26.78
N GLY C 190 8.37 65.94 -27.06
CA GLY C 190 9.12 65.13 -26.10
C GLY C 190 10.46 65.78 -25.79
N SER C 191 10.82 65.75 -24.50
CA SER C 191 12.06 66.36 -24.02
C SER C 191 12.86 65.33 -23.23
N ARG C 192 14.17 65.52 -23.19
CA ARG C 192 15.06 64.66 -22.44
C ARG C 192 16.03 65.50 -21.62
N SER C 193 16.17 65.16 -20.34
CA SER C 193 17.16 65.78 -19.48
C SER C 193 17.82 64.68 -18.66
N GLY C 194 18.95 64.18 -19.16
CA GLY C 194 19.65 63.08 -18.53
C GLY C 194 18.87 61.77 -18.60
N THR C 195 18.37 61.31 -17.47
CA THR C 195 17.52 60.13 -17.41
C THR C 195 16.04 60.49 -17.24
N ASP C 196 15.70 61.78 -17.33
CA ASP C 196 14.33 62.23 -17.20
C ASP C 196 13.77 62.52 -18.59
N PHE C 197 12.58 61.99 -18.87
CA PHE C 197 11.91 62.18 -20.15
C PHE C 197 10.52 62.74 -19.91
N THR C 198 10.15 63.76 -20.69
CA THR C 198 8.92 64.49 -20.46
C THR C 198 8.11 64.58 -21.73
N LEU C 199 6.84 64.21 -21.65
CA LEU C 199 5.88 64.40 -22.74
C LEU C 199 5.09 65.68 -22.47
N THR C 200 5.08 66.59 -23.44
CA THR C 200 4.41 67.87 -23.30
C THR C 200 3.31 67.98 -24.35
N ILE C 201 2.11 68.33 -23.90
CA ILE C 201 0.99 68.66 -24.77
C ILE C 201 0.77 70.17 -24.69
N SER C 202 0.97 70.85 -25.81
CA SER C 202 0.91 72.31 -25.83
C SER C 202 -0.43 72.82 -25.29
N SER C 203 -1.53 72.37 -25.89
CA SER C 203 -2.86 72.73 -25.44
C SER C 203 -3.75 71.50 -25.55
N LEU C 204 -4.34 71.09 -24.44
CA LEU C 204 -5.12 69.87 -24.39
C LEU C 204 -6.38 69.98 -25.25
N GLN C 205 -6.56 69.03 -26.15
CA GLN C 205 -7.76 68.91 -26.96
C GLN C 205 -8.65 67.80 -26.42
N PRO C 206 -9.95 67.82 -26.74
CA PRO C 206 -10.82 66.73 -26.29
C PRO C 206 -10.40 65.36 -26.82
N GLU C 207 -9.81 65.31 -28.00
CA GLU C 207 -9.30 64.06 -28.57
C GLU C 207 -8.09 63.52 -27.83
N ASP C 208 -7.54 64.27 -26.87
CA ASP C 208 -6.28 63.92 -26.24
C ASP C 208 -6.45 63.17 -24.91
N PHE C 209 -7.64 63.15 -24.35
CA PHE C 209 -7.86 62.46 -23.07
C PHE C 209 -7.72 60.96 -23.27
N ALA C 210 -6.67 60.39 -22.70
CA ALA C 210 -6.37 58.96 -22.82
C ALA C 210 -5.33 58.61 -21.77
N THR C 211 -4.76 57.41 -21.88
CA THR C 211 -3.68 56.96 -21.03
C THR C 211 -2.40 56.92 -21.85
N TYR C 212 -1.35 57.55 -21.33
CA TYR C 212 -0.07 57.66 -22.02
C TYR C 212 0.99 56.80 -21.33
N TYR C 213 1.81 56.14 -22.14
CA TYR C 213 2.85 55.25 -21.64
C TYR C 213 4.20 55.68 -22.19
N CYS C 214 5.22 55.64 -21.32
CA CYS C 214 6.59 55.86 -21.73
C CYS C 214 7.31 54.51 -21.76
N GLN C 215 8.21 54.35 -22.73
CA GLN C 215 8.89 53.06 -22.93
C GLN C 215 10.33 53.31 -23.34
N GLN C 216 11.23 52.48 -22.81
CA GLN C 216 12.62 52.46 -23.24
C GLN C 216 12.89 51.19 -24.03
N HIS C 217 13.68 51.32 -25.09
CA HIS C 217 14.12 50.17 -25.87
C HIS C 217 15.63 50.14 -25.98
N TYR C 218 16.32 50.71 -24.99
CA TYR C 218 17.78 50.73 -24.99
C TYR C 218 18.34 49.32 -24.91
N THR C 219 17.74 48.46 -24.09
CA THR C 219 18.19 47.09 -23.94
C THR C 219 16.96 46.18 -23.95
N THR C 220 17.19 44.89 -23.68
CA THR C 220 16.16 43.88 -23.60
C THR C 220 16.05 43.39 -22.17
N PRO C 221 14.85 43.29 -21.60
CA PRO C 221 13.55 43.57 -22.22
C PRO C 221 13.21 45.05 -22.32
N PRO C 222 12.43 45.43 -23.34
CA PRO C 222 11.84 46.77 -23.36
C PRO C 222 10.83 46.90 -22.24
N THR C 223 10.90 48.01 -21.51
CA THR C 223 10.08 48.21 -20.33
C THR C 223 9.23 49.46 -20.48
N PHE C 224 7.99 49.38 -19.99
CA PHE C 224 7.04 50.48 -20.02
C PHE C 224 6.93 51.11 -18.63
N GLY C 225 6.53 52.37 -18.62
CA GLY C 225 6.11 53.00 -17.37
C GLY C 225 4.76 52.48 -16.93
N GLN C 226 4.36 52.91 -15.73
CA GLN C 226 3.08 52.46 -15.19
C GLN C 226 1.90 53.08 -15.92
N GLY C 227 2.09 54.20 -16.61
CA GLY C 227 1.03 54.83 -17.36
C GLY C 227 0.42 56.00 -16.62
N THR C 228 0.01 57.01 -17.40
CA THR C 228 -0.60 58.23 -16.85
C THR C 228 -1.95 58.43 -17.52
N LYS C 229 -3.03 58.31 -16.75
CA LYS C 229 -4.38 58.49 -17.26
C LYS C 229 -4.79 59.94 -17.11
N VAL C 230 -5.07 60.59 -18.24
CA VAL C 230 -5.50 61.99 -18.25
C VAL C 230 -7.03 61.99 -18.36
N GLU C 231 -7.69 62.33 -17.26
CA GLU C 231 -9.15 62.41 -17.23
C GLU C 231 -9.60 63.86 -17.43
N ILE C 232 -10.90 64.03 -17.65
CA ILE C 232 -11.50 65.34 -17.80
C ILE C 232 -11.92 65.85 -16.42
N LYS C 233 -11.67 67.13 -16.16
CA LYS C 233 -12.00 67.72 -14.88
C LYS C 233 -13.51 67.91 -14.73
N MET D 1 22.43 -3.95 -7.21
CA MET D 1 23.78 -3.52 -6.82
C MET D 1 24.84 -4.24 -7.66
N GLU D 2 25.99 -3.58 -7.83
CA GLU D 2 27.11 -4.21 -8.50
C GLU D 2 27.78 -5.25 -7.60
N VAL D 3 28.27 -4.82 -6.44
CA VAL D 3 28.88 -5.71 -5.45
C VAL D 3 27.82 -6.06 -4.42
N GLN D 4 27.54 -7.35 -4.27
CA GLN D 4 26.53 -7.84 -3.35
C GLN D 4 27.08 -8.97 -2.50
N LEU D 5 26.47 -9.15 -1.33
CA LEU D 5 26.80 -10.24 -0.42
C LEU D 5 25.50 -10.73 0.20
N VAL D 6 25.15 -11.98 -0.05
CA VAL D 6 23.89 -12.57 0.42
C VAL D 6 24.21 -13.77 1.30
N GLU D 7 23.67 -13.77 2.51
CA GLU D 7 23.88 -14.85 3.47
C GLU D 7 22.64 -15.74 3.55
N SER D 8 22.88 -16.99 3.96
CA SER D 8 21.80 -17.96 4.15
C SER D 8 22.33 -19.08 5.03
N GLY D 9 21.39 -19.80 5.65
CA GLY D 9 21.72 -20.93 6.51
C GLY D 9 21.35 -20.77 7.96
N GLY D 10 20.83 -19.62 8.39
CA GLY D 10 20.46 -19.44 9.78
C GLY D 10 19.17 -20.15 10.13
N GLY D 11 18.93 -20.24 11.43
CA GLY D 11 17.73 -20.89 11.92
C GLY D 11 17.85 -21.22 13.39
N LEU D 12 16.81 -21.87 13.90
CA LEU D 12 16.79 -22.31 15.28
C LEU D 12 17.53 -23.63 15.41
N VAL D 13 18.33 -23.76 16.47
CA VAL D 13 19.21 -24.90 16.66
C VAL D 13 19.30 -25.21 18.15
N GLN D 14 19.18 -26.48 18.50
CA GLN D 14 19.32 -26.87 19.89
C GLN D 14 20.79 -26.81 20.31
N PRO D 15 21.06 -26.54 21.59
CA PRO D 15 22.44 -26.46 22.06
C PRO D 15 23.22 -27.73 21.74
N GLY D 16 24.45 -27.54 21.25
CA GLY D 16 25.28 -28.64 20.80
C GLY D 16 25.12 -29.00 19.34
N GLY D 17 24.01 -28.60 18.71
CA GLY D 17 23.81 -28.90 17.30
C GLY D 17 24.76 -28.11 16.42
N SER D 18 24.72 -28.46 15.13
CA SER D 18 25.59 -27.84 14.14
C SER D 18 24.77 -27.06 13.11
N LEU D 19 25.45 -26.18 12.40
CA LEU D 19 24.80 -25.30 11.42
C LEU D 19 25.86 -24.79 10.46
N ARG D 20 25.45 -24.53 9.22
CA ARG D 20 26.36 -24.07 8.18
C ARG D 20 25.79 -22.84 7.51
N LEU D 21 26.60 -21.79 7.40
CA LEU D 21 26.21 -20.55 6.77
C LEU D 21 26.87 -20.43 5.41
N SER D 22 26.16 -19.78 4.48
CA SER D 22 26.67 -19.53 3.14
C SER D 22 26.65 -18.04 2.86
N CYS D 23 27.62 -17.59 2.07
CA CYS D 23 27.74 -16.18 1.70
C CYS D 23 28.08 -16.10 0.21
N ALA D 24 27.08 -15.87 -0.62
CA ALA D 24 27.26 -15.78 -2.06
C ALA D 24 27.68 -14.36 -2.44
N ALA D 25 28.82 -14.24 -3.11
CA ALA D 25 29.39 -12.95 -3.48
C ALA D 25 29.18 -12.71 -4.97
N SER D 26 28.56 -11.59 -5.31
CA SER D 26 28.34 -11.18 -6.69
C SER D 26 29.00 -9.83 -6.94
N GLY D 27 29.57 -9.67 -8.13
CA GLY D 27 30.18 -8.43 -8.52
C GLY D 27 31.69 -8.38 -8.39
N PHE D 28 32.32 -9.40 -7.82
CA PHE D 28 33.78 -9.44 -7.70
C PHE D 28 34.19 -10.87 -7.44
N ASN D 29 35.49 -11.12 -7.56
CA ASN D 29 36.06 -12.44 -7.31
C ASN D 29 36.67 -12.46 -5.91
N ILE D 30 36.18 -13.37 -5.06
CA ILE D 30 36.64 -13.44 -3.69
C ILE D 30 38.11 -13.83 -3.56
N LYS D 31 38.73 -14.30 -4.65
CA LYS D 31 40.15 -14.60 -4.62
C LYS D 31 41.01 -13.35 -4.50
N ASP D 32 40.43 -12.16 -4.67
CA ASP D 32 41.20 -10.93 -4.67
C ASP D 32 41.25 -10.25 -3.31
N THR D 33 40.46 -10.70 -2.33
CA THR D 33 40.41 -10.05 -1.03
C THR D 33 40.13 -11.08 0.04
N TYR D 34 39.97 -10.59 1.27
CA TYR D 34 39.59 -11.44 2.40
C TYR D 34 38.08 -11.40 2.59
N ILE D 35 37.53 -12.53 3.02
CA ILE D 35 36.11 -12.63 3.39
C ILE D 35 36.05 -12.82 4.90
N HIS D 36 35.20 -12.03 5.56
CA HIS D 36 35.06 -12.08 7.01
C HIS D 36 33.65 -12.51 7.40
N TRP D 37 33.55 -13.00 8.63
CA TRP D 37 32.27 -13.21 9.30
C TRP D 37 32.27 -12.39 10.57
N VAL D 38 31.23 -11.58 10.75
CA VAL D 38 31.07 -10.73 11.93
C VAL D 38 29.68 -10.95 12.48
N ARG D 39 29.57 -11.11 13.79
CA ARG D 39 28.29 -11.41 14.42
C ARG D 39 27.91 -10.32 15.41
N GLN D 40 26.62 -10.30 15.74
CA GLN D 40 26.07 -9.27 16.63
C GLN D 40 24.96 -9.93 17.45
N ALA D 41 25.24 -10.19 18.72
CA ALA D 41 24.24 -10.75 19.61
C ALA D 41 23.11 -9.74 19.80
N PRO D 42 21.87 -10.22 20.04
CA PRO D 42 20.74 -9.30 20.22
C PRO D 42 20.98 -8.27 21.30
N GLY D 43 20.97 -6.99 20.92
CA GLY D 43 21.20 -5.91 21.84
C GLY D 43 22.65 -5.51 22.03
N LYS D 44 23.60 -6.34 21.59
CA LYS D 44 25.01 -6.11 21.83
C LYS D 44 25.68 -5.54 20.57
N GLY D 45 27.02 -5.46 20.61
CA GLY D 45 27.79 -4.87 19.53
C GLY D 45 28.35 -5.91 18.58
N LEU D 46 29.22 -5.42 17.69
CA LEU D 46 29.80 -6.26 16.64
C LEU D 46 31.03 -6.99 17.16
N GLU D 47 31.20 -8.23 16.71
CA GLU D 47 32.34 -9.06 17.10
C GLU D 47 32.83 -9.82 15.88
N TRP D 48 34.11 -9.63 15.54
CA TRP D 48 34.70 -10.35 14.43
C TRP D 48 34.89 -11.81 14.80
N VAL D 49 34.51 -12.71 13.88
CA VAL D 49 34.46 -14.14 14.14
C VAL D 49 35.59 -14.87 13.45
N ALA D 50 35.74 -14.67 12.13
CA ALA D 50 36.74 -15.39 11.37
C ALA D 50 36.99 -14.66 10.06
N ARG D 51 38.07 -15.04 9.37
CA ARG D 51 38.40 -14.50 8.08
C ARG D 51 39.10 -15.57 7.25
N ILE D 52 39.01 -15.44 5.93
CA ILE D 52 39.66 -16.37 5.01
C ILE D 52 40.19 -15.59 3.81
N TYR D 53 41.36 -16.00 3.33
CA TYR D 53 41.92 -15.52 2.07
C TYR D 53 41.74 -16.62 1.03
N PRO D 54 40.67 -16.58 0.23
CA PRO D 54 40.33 -17.74 -0.61
C PRO D 54 41.39 -18.12 -1.62
N THR D 55 42.38 -17.26 -1.87
CA THR D 55 43.43 -17.61 -2.82
C THR D 55 44.23 -18.82 -2.34
N ASN D 56 44.75 -18.77 -1.11
CA ASN D 56 45.55 -19.85 -0.57
C ASN D 56 44.85 -20.67 0.51
N GLY D 57 43.77 -20.15 1.09
CA GLY D 57 43.05 -20.85 2.13
C GLY D 57 43.47 -20.51 3.55
N TYR D 58 44.28 -19.47 3.73
CA TYR D 58 44.67 -19.06 5.07
C TYR D 58 43.46 -18.61 5.87
N THR D 59 43.41 -19.01 7.14
CA THR D 59 42.27 -18.74 8.00
C THR D 59 42.74 -18.27 9.36
N ARG D 60 41.90 -17.45 10.01
CA ARG D 60 42.14 -17.00 11.37
C ARG D 60 40.80 -16.89 12.07
N TYR D 61 40.80 -17.01 13.39
CA TYR D 61 39.57 -17.08 14.17
C TYR D 61 39.69 -16.27 15.44
N ALA D 62 38.54 -15.84 15.94
CA ALA D 62 38.47 -15.28 17.28
C ALA D 62 38.50 -16.41 18.31
N ASP D 63 39.05 -16.11 19.49
CA ASP D 63 39.14 -17.09 20.56
C ASP D 63 37.76 -17.65 20.93
N SER D 64 36.72 -16.83 20.79
CA SER D 64 35.38 -17.24 21.21
C SER D 64 34.81 -18.37 20.37
N VAL D 65 35.33 -18.60 19.16
CA VAL D 65 34.85 -19.65 18.28
C VAL D 65 35.95 -20.63 17.88
N LYS D 66 37.14 -20.49 18.44
CA LYS D 66 38.26 -21.37 18.08
C LYS D 66 37.95 -22.82 18.43
N GLY D 67 38.19 -23.72 17.47
CA GLY D 67 37.97 -25.13 17.67
C GLY D 67 36.56 -25.61 17.40
N ARG D 68 35.60 -24.70 17.24
CA ARG D 68 34.22 -25.08 16.95
C ARG D 68 33.73 -24.57 15.60
N PHE D 69 34.22 -23.44 15.13
CA PHE D 69 33.81 -22.87 13.86
C PHE D 69 34.87 -23.12 12.80
N THR D 70 34.43 -23.22 11.55
CA THR D 70 35.33 -23.44 10.42
C THR D 70 34.85 -22.64 9.24
N ILE D 71 35.67 -21.69 8.78
CA ILE D 71 35.38 -20.89 7.61
C ILE D 71 36.07 -21.53 6.41
N SER D 72 35.38 -21.48 5.25
CA SER D 72 35.91 -22.06 4.03
C SER D 72 35.40 -21.25 2.85
N ALA D 73 35.98 -21.50 1.68
CA ALA D 73 35.63 -20.75 0.48
C ALA D 73 35.71 -21.66 -0.74
N ASP D 74 34.65 -21.68 -1.53
CA ASP D 74 34.58 -22.40 -2.79
C ASP D 74 34.59 -21.35 -3.90
N THR D 75 35.79 -21.07 -4.42
CA THR D 75 35.92 -20.02 -5.42
C THR D 75 35.21 -20.38 -6.72
N SER D 76 35.05 -21.68 -7.00
CA SER D 76 34.29 -22.09 -8.19
C SER D 76 32.86 -21.55 -8.12
N LYS D 77 32.27 -21.53 -6.93
CA LYS D 77 30.94 -20.98 -6.73
C LYS D 77 30.98 -19.54 -6.22
N ASN D 78 32.16 -18.98 -6.01
CA ASN D 78 32.33 -17.61 -5.49
C ASN D 78 31.53 -17.42 -4.20
N THR D 79 31.68 -18.38 -3.30
CA THR D 79 30.91 -18.42 -2.06
C THR D 79 31.82 -18.81 -0.90
N ALA D 80 31.60 -18.19 0.25
CA ALA D 80 32.29 -18.55 1.48
C ALA D 80 31.30 -19.21 2.44
N TYR D 81 31.82 -20.07 3.32
CA TYR D 81 31.01 -20.81 4.25
C TYR D 81 31.56 -20.67 5.66
N LEU D 82 30.67 -20.87 6.63
CA LEU D 82 31.03 -20.89 8.04
C LEU D 82 30.35 -22.09 8.69
N GLN D 83 31.13 -23.14 8.95
CA GLN D 83 30.61 -24.32 9.64
C GLN D 83 30.66 -24.07 11.14
N MET D 84 29.50 -24.18 11.79
CA MET D 84 29.37 -23.90 13.21
C MET D 84 28.96 -25.17 13.95
N ASN D 85 29.89 -25.72 14.74
CA ASN D 85 29.66 -26.91 15.53
C ASN D 85 29.63 -26.57 17.01
N SER D 86 28.99 -27.44 17.78
CA SER D 86 28.94 -27.32 19.25
C SER D 86 28.39 -25.96 19.67
N LEU D 87 27.23 -25.61 19.15
CA LEU D 87 26.68 -24.29 19.35
C LEU D 87 26.20 -24.10 20.79
N THR D 88 26.58 -22.97 21.38
CA THR D 88 26.16 -22.58 22.71
C THR D 88 25.29 -21.34 22.64
N ALA D 89 24.73 -20.96 23.79
CA ALA D 89 23.79 -19.83 23.83
C ALA D 89 24.49 -18.52 23.49
N CYS D 90 25.79 -18.41 23.76
CA CYS D 90 26.54 -17.21 23.43
C CYS D 90 26.78 -17.05 21.94
N ASP D 91 26.48 -18.07 21.14
CA ASP D 91 26.58 -17.98 19.69
C ASP D 91 25.33 -17.42 19.03
N THR D 92 24.24 -17.27 19.77
CA THR D 92 23.01 -16.70 19.24
C THR D 92 23.25 -15.25 18.84
N ALA D 93 23.17 -14.97 17.54
CA ALA D 93 23.47 -13.64 17.03
C ALA D 93 23.03 -13.55 15.57
N VAL D 94 23.13 -12.35 15.03
CA VAL D 94 23.01 -12.11 13.59
C VAL D 94 24.42 -12.17 13.00
N TYR D 95 24.63 -13.05 12.03
CA TYR D 95 25.95 -13.27 11.46
C TYR D 95 26.05 -12.57 10.13
N TYR D 96 26.94 -11.58 10.05
CA TYR D 96 27.14 -10.77 8.85
C TYR D 96 28.35 -11.28 8.07
N CYS D 97 28.22 -11.30 6.75
CA CYS D 97 29.32 -11.57 5.84
C CYS D 97 29.88 -10.25 5.34
N SER D 98 31.20 -10.12 5.36
CA SER D 98 31.87 -8.88 4.96
C SER D 98 33.12 -9.21 4.17
N ARG D 99 33.70 -8.17 3.57
CA ARG D 99 34.90 -8.30 2.77
C ARG D 99 35.82 -7.11 3.04
N TRP D 100 37.09 -7.28 2.73
CA TRP D 100 38.01 -6.17 2.69
C TRP D 100 38.04 -5.58 1.29
N GLY D 101 38.38 -4.29 1.20
CA GLY D 101 38.32 -3.61 -0.08
C GLY D 101 39.19 -4.25 -1.14
N GLY D 102 40.34 -4.79 -0.75
CA GLY D 102 41.21 -5.45 -1.69
C GLY D 102 42.67 -5.06 -1.55
N ASP D 103 43.27 -4.59 -2.64
CA ASP D 103 44.69 -4.22 -2.66
C ASP D 103 44.89 -2.94 -1.85
N GLY D 104 45.32 -3.09 -0.60
CA GLY D 104 45.62 -1.98 0.26
C GLY D 104 44.44 -1.43 1.05
N PHE D 105 43.23 -1.57 0.52
CA PHE D 105 42.03 -1.10 1.20
C PHE D 105 41.58 -2.16 2.18
N TYR D 106 41.80 -1.91 3.48
CA TYR D 106 41.56 -2.92 4.51
C TYR D 106 40.38 -2.58 5.40
N ALA D 107 39.47 -1.72 4.94
CA ALA D 107 38.21 -1.50 5.63
C ALA D 107 37.13 -2.40 5.04
N MET D 108 36.08 -2.62 5.84
CA MET D 108 34.98 -3.49 5.42
C MET D 108 33.95 -2.64 4.70
N ASP D 109 34.14 -2.49 3.39
CA ASP D 109 33.30 -1.57 2.61
C ASP D 109 31.94 -2.17 2.26
N TYR D 110 31.84 -3.49 2.17
CA TYR D 110 30.59 -4.13 1.74
C TYR D 110 30.20 -5.21 2.74
N TRP D 111 28.93 -5.17 3.17
CA TRP D 111 28.38 -6.11 4.12
C TRP D 111 27.12 -6.75 3.53
N GLY D 112 26.82 -7.96 3.99
CA GLY D 112 25.58 -8.62 3.63
C GLY D 112 24.45 -8.23 4.57
N GLN D 113 23.25 -8.70 4.23
CA GLN D 113 22.08 -8.39 5.04
C GLN D 113 22.12 -9.09 6.40
N GLY D 114 22.84 -10.19 6.50
CA GLY D 114 22.94 -10.92 7.76
C GLY D 114 21.88 -12.00 7.89
N THR D 115 22.27 -13.10 8.53
CA THR D 115 21.37 -14.20 8.82
C THR D 115 21.38 -14.48 10.31
N LEU D 116 20.19 -14.70 10.89
CA LEU D 116 20.04 -14.83 12.33
C LEU D 116 20.16 -16.29 12.74
N VAL D 117 21.02 -16.54 13.73
CA VAL D 117 21.19 -17.87 14.32
C VAL D 117 20.76 -17.79 15.77
N THR D 118 19.76 -18.58 16.14
CA THR D 118 19.27 -18.63 17.51
C THR D 118 19.49 -20.04 18.06
N VAL D 119 20.08 -20.14 19.24
CA VAL D 119 20.37 -21.40 19.89
C VAL D 119 19.55 -21.47 21.18
N SER D 120 18.62 -22.42 21.23
CA SER D 120 17.78 -22.61 22.41
C SER D 120 17.15 -24.00 22.42
N GLY D 125 13.68 -29.54 24.96
CA GLY D 125 13.10 -30.34 23.89
C GLY D 125 12.67 -31.72 24.35
N SER D 126 13.58 -32.69 24.23
CA SER D 126 13.28 -34.06 24.63
C SER D 126 13.42 -34.26 26.13
N ASP D 127 14.07 -33.34 26.84
CA ASP D 127 14.32 -33.52 28.26
C ASP D 127 13.06 -33.29 29.08
N ILE D 128 12.95 -34.05 30.18
CA ILE D 128 11.83 -33.87 31.10
C ILE D 128 12.04 -32.60 31.90
N GLN D 129 10.98 -31.80 32.01
CA GLN D 129 11.05 -30.50 32.66
C GLN D 129 10.57 -30.58 34.10
N MET D 130 11.31 -29.94 34.99
CA MET D 130 10.94 -29.82 36.40
C MET D 130 10.67 -28.35 36.69
N THR D 131 9.42 -28.04 37.03
CA THR D 131 8.99 -26.67 37.33
C THR D 131 8.76 -26.53 38.83
N GLN D 132 9.56 -25.69 39.47
CA GLN D 132 9.51 -25.52 40.92
C GLN D 132 8.72 -24.26 41.27
N SER D 133 7.94 -24.35 42.34
CA SER D 133 7.10 -23.25 42.80
C SER D 133 7.18 -23.21 44.32
N PRO D 134 7.39 -22.02 44.92
CA PRO D 134 7.65 -20.78 44.20
C PRO D 134 9.14 -20.60 43.92
N SER D 135 9.50 -19.53 43.21
CA SER D 135 10.92 -19.24 43.00
C SER D 135 11.57 -18.77 44.28
N SER D 136 10.85 -17.98 45.08
CA SER D 136 11.36 -17.44 46.32
C SER D 136 10.26 -17.49 47.38
N LEU D 137 10.66 -17.47 48.65
CA LEU D 137 9.71 -17.37 49.74
C LEU D 137 10.42 -16.87 50.98
N SER D 138 9.79 -15.92 51.67
CA SER D 138 10.27 -15.41 52.94
C SER D 138 9.45 -16.03 54.07
N ALA D 139 10.13 -16.50 55.10
CA ALA D 139 9.46 -17.15 56.21
C ALA D 139 10.20 -16.82 57.50
N SER D 140 9.55 -17.12 58.63
CA SER D 140 10.10 -16.90 59.95
C SER D 140 10.62 -18.21 60.52
N VAL D 141 11.48 -18.09 61.55
CA VAL D 141 11.95 -19.27 62.26
C VAL D 141 10.77 -19.99 62.87
N GLY D 142 10.73 -21.31 62.69
CA GLY D 142 9.66 -22.13 63.23
C GLY D 142 8.47 -22.32 62.32
N ASP D 143 8.40 -21.58 61.21
CA ASP D 143 7.26 -21.69 60.31
C ASP D 143 7.28 -23.02 59.57
N ARG D 144 6.13 -23.35 58.98
CA ARG D 144 5.98 -24.53 58.12
C ARG D 144 6.13 -24.10 56.67
N VAL D 145 6.98 -24.81 55.93
CA VAL D 145 7.35 -24.43 54.57
C VAL D 145 7.11 -25.62 53.66
N THR D 146 6.49 -25.37 52.51
CA THR D 146 6.25 -26.40 51.50
C THR D 146 6.66 -25.87 50.14
N ILE D 147 7.48 -26.65 49.42
CA ILE D 147 7.91 -26.32 48.07
C ILE D 147 7.38 -27.40 47.13
N THR D 148 6.86 -26.97 45.98
CA THR D 148 6.22 -27.86 45.03
C THR D 148 7.02 -27.87 43.72
N CYS D 149 6.94 -29.02 43.05
CA CYS D 149 7.76 -29.35 41.89
C CYS D 149 6.93 -30.16 40.93
N ARG D 150 6.63 -29.61 39.76
CA ARG D 150 5.76 -30.28 38.80
C ARG D 150 6.57 -30.82 37.62
N ALA D 151 6.50 -32.13 37.40
CA ALA D 151 7.17 -32.77 36.28
C ALA D 151 6.29 -32.72 35.04
N SER D 152 6.89 -32.37 33.91
CA SER D 152 6.18 -32.30 32.65
C SER D 152 5.83 -33.67 32.09
N GLN D 153 6.27 -34.74 32.75
CA GLN D 153 6.09 -36.09 32.25
C GLN D 153 6.16 -37.05 33.44
N ASP D 154 5.52 -38.20 33.29
CA ASP D 154 5.51 -39.18 34.38
C ASP D 154 6.93 -39.66 34.66
N VAL D 155 7.40 -39.41 35.87
CA VAL D 155 8.73 -39.81 36.31
C VAL D 155 8.65 -40.88 37.41
N ASN D 156 7.48 -41.48 37.61
CA ASN D 156 7.25 -42.49 38.64
C ASN D 156 7.62 -41.88 39.99
N THR D 157 8.59 -42.42 40.72
CA THR D 157 9.04 -41.85 41.99
C THR D 157 10.53 -41.60 41.99
N ALA D 158 11.15 -41.43 40.83
CA ALA D 158 12.59 -41.21 40.73
C ALA D 158 12.88 -39.70 40.82
N VAL D 159 12.60 -39.16 42.00
CA VAL D 159 12.73 -37.73 42.27
C VAL D 159 13.49 -37.55 43.57
N ALA D 160 14.42 -36.60 43.59
CA ALA D 160 15.20 -36.28 44.77
C ALA D 160 15.11 -34.79 45.06
N TRP D 161 15.35 -34.43 46.32
CA TRP D 161 15.38 -33.05 46.76
C TRP D 161 16.75 -32.77 47.37
N TYR D 162 17.36 -31.66 46.97
CA TYR D 162 18.68 -31.28 47.45
C TYR D 162 18.65 -29.90 48.11
N GLN D 163 19.51 -29.72 49.10
CA GLN D 163 19.69 -28.44 49.78
C GLN D 163 21.06 -27.89 49.48
N GLN D 164 21.12 -26.63 49.06
CA GLN D 164 22.39 -25.95 48.79
C GLN D 164 22.46 -24.67 49.59
N LYS D 165 23.45 -24.59 50.48
CA LYS D 165 23.77 -23.38 51.20
C LYS D 165 24.73 -22.52 50.37
N PRO D 166 24.70 -21.20 50.54
CA PRO D 166 25.56 -20.34 49.72
C PRO D 166 27.03 -20.69 49.88
N GLY D 167 27.71 -20.86 48.73
CA GLY D 167 29.11 -21.20 48.71
C GLY D 167 29.43 -22.67 48.91
N LYS D 168 28.42 -23.51 49.10
CA LYS D 168 28.63 -24.93 49.37
C LYS D 168 27.99 -25.77 48.27
N ALA D 169 28.30 -27.06 48.30
CA ALA D 169 27.76 -28.01 47.34
C ALA D 169 26.38 -28.49 47.77
N PRO D 170 25.58 -29.00 46.83
CA PRO D 170 24.28 -29.54 47.21
C PRO D 170 24.41 -30.77 48.09
N LYS D 171 23.48 -30.90 49.03
CA LYS D 171 23.39 -32.06 49.90
C LYS D 171 22.04 -32.74 49.70
N LEU D 172 22.05 -34.07 49.67
CA LEU D 172 20.83 -34.84 49.47
C LEU D 172 19.98 -34.83 50.73
N LEU D 173 18.69 -34.53 50.56
CA LEU D 173 17.72 -34.61 51.65
C LEU D 173 16.74 -35.75 51.46
N ILE D 174 16.02 -35.76 50.34
CA ILE D 174 15.00 -36.76 50.06
C ILE D 174 15.37 -37.49 48.78
N TYR D 175 15.21 -38.81 48.78
CA TYR D 175 15.37 -39.62 47.59
C TYR D 175 14.12 -40.44 47.36
N SER D 176 13.89 -40.81 46.10
CA SER D 176 12.70 -41.57 45.70
C SER D 176 11.43 -40.90 46.18
N ALA D 177 11.38 -39.57 46.02
CA ALA D 177 10.18 -38.76 46.25
C ALA D 177 9.76 -38.63 47.71
N SER D 178 10.00 -39.67 48.52
CA SER D 178 9.44 -39.67 49.87
C SER D 178 10.38 -40.17 50.96
N PHE D 179 11.56 -40.68 50.64
CA PHE D 179 12.43 -41.28 51.65
C PHE D 179 13.44 -40.26 52.17
N LEU D 180 13.62 -40.24 53.49
CA LEU D 180 14.50 -39.29 54.14
C LEU D 180 15.90 -39.89 54.24
N TYR D 181 16.89 -39.19 53.68
CA TYR D 181 18.25 -39.68 53.70
C TYR D 181 18.80 -39.72 55.12
N SER D 182 19.66 -40.70 55.37
CA SER D 182 20.22 -40.89 56.70
C SER D 182 20.98 -39.64 57.16
N GLY D 183 20.63 -39.16 58.36
CA GLY D 183 21.25 -37.99 58.92
C GLY D 183 20.43 -36.72 58.80
N VAL D 184 19.50 -36.67 57.84
CA VAL D 184 18.67 -35.49 57.62
C VAL D 184 17.63 -35.42 58.74
N PRO D 185 17.42 -34.26 59.34
CA PRO D 185 16.44 -34.15 60.44
C PRO D 185 15.04 -34.52 60.01
N SER D 186 14.23 -34.95 60.98
CA SER D 186 12.91 -35.48 60.70
C SER D 186 11.94 -34.41 60.19
N ARG D 187 12.24 -33.14 60.39
CA ARG D 187 11.35 -32.08 59.95
C ARG D 187 11.21 -32.02 58.43
N PHE D 188 12.14 -32.64 57.69
CA PHE D 188 12.05 -32.72 56.25
C PHE D 188 11.23 -33.94 55.84
N SER D 189 10.39 -33.76 54.82
CA SER D 189 9.58 -34.85 54.31
C SER D 189 9.19 -34.55 52.88
N GLY D 190 8.99 -35.61 52.10
CA GLY D 190 8.62 -35.48 50.71
C GLY D 190 7.37 -36.29 50.39
N SER D 191 6.58 -35.77 49.45
CA SER D 191 5.34 -36.40 49.06
C SER D 191 5.15 -36.28 47.56
N ARG D 192 4.34 -37.19 47.01
CA ARG D 192 4.05 -37.22 45.58
C ARG D 192 2.55 -37.35 45.37
N SER D 193 2.04 -36.62 44.37
CA SER D 193 0.64 -36.72 43.93
C SER D 193 0.66 -36.64 42.41
N GLY D 194 0.82 -37.78 41.75
CA GLY D 194 0.96 -37.81 40.31
C GLY D 194 2.28 -37.25 39.86
N THR D 195 2.26 -36.20 39.04
CA THR D 195 3.47 -35.52 38.60
C THR D 195 3.82 -34.33 39.47
N ASP D 196 3.15 -34.17 40.61
CA ASP D 196 3.39 -33.06 41.53
C ASP D 196 4.12 -33.60 42.77
N PHE D 197 5.31 -33.07 43.03
CA PHE D 197 6.11 -33.46 44.17
C PHE D 197 6.27 -32.29 45.13
N THR D 198 6.36 -32.59 46.42
CA THR D 198 6.38 -31.56 47.43
C THR D 198 7.42 -31.87 48.50
N LEU D 199 8.24 -30.88 48.83
CA LEU D 199 9.12 -30.93 49.98
C LEU D 199 8.53 -30.09 51.10
N THR D 200 8.54 -30.63 52.32
CA THR D 200 7.94 -29.97 53.47
C THR D 200 8.94 -29.90 54.61
N ILE D 201 9.10 -28.71 55.18
CA ILE D 201 9.82 -28.50 56.42
C ILE D 201 8.80 -28.13 57.49
N SER D 202 8.66 -28.99 58.50
CA SER D 202 7.58 -28.81 59.46
C SER D 202 7.77 -27.54 60.28
N SER D 203 8.97 -27.32 60.81
CA SER D 203 9.28 -26.12 61.59
C SER D 203 10.66 -25.64 61.16
N LEU D 204 10.69 -24.52 60.44
CA LEU D 204 11.94 -24.02 59.86
C LEU D 204 12.95 -23.67 60.95
N GLN D 205 14.20 -24.07 60.72
CA GLN D 205 15.32 -23.73 61.57
C GLN D 205 16.24 -22.74 60.86
N PRO D 206 17.07 -22.00 61.60
CA PRO D 206 18.00 -21.06 60.95
C PRO D 206 18.89 -21.71 59.90
N GLU D 207 19.39 -22.91 60.15
CA GLU D 207 20.27 -23.58 59.20
C GLU D 207 19.55 -24.03 57.93
N ASP D 208 18.22 -23.94 57.89
CA ASP D 208 17.47 -24.36 56.71
C ASP D 208 17.28 -23.25 55.70
N PHE D 209 17.64 -22.01 56.04
CA PHE D 209 17.58 -20.91 55.08
C PHE D 209 18.62 -21.16 54.00
N ALA D 210 18.17 -21.59 52.83
CA ALA D 210 19.06 -21.98 51.74
C ALA D 210 18.23 -22.03 50.45
N THR D 211 18.81 -22.62 49.41
CA THR D 211 18.14 -22.85 48.14
C THR D 211 17.89 -24.35 47.99
N TYR D 212 16.69 -24.71 47.54
CA TYR D 212 16.27 -26.11 47.46
C TYR D 212 15.98 -26.49 46.02
N TYR D 213 16.56 -27.60 45.59
CA TYR D 213 16.44 -28.06 44.21
C TYR D 213 15.72 -29.40 44.18
N CYS D 214 14.83 -29.51 43.19
CA CYS D 214 14.09 -30.71 42.87
C CYS D 214 14.63 -31.34 41.60
N GLN D 215 14.91 -32.65 41.64
CA GLN D 215 15.54 -33.31 40.50
C GLN D 215 14.87 -34.65 40.21
N GLN D 216 14.63 -34.92 38.93
CA GLN D 216 14.22 -36.23 38.48
C GLN D 216 15.41 -36.98 37.89
N HIS D 217 15.41 -38.30 38.07
CA HIS D 217 16.39 -39.16 37.43
C HIS D 217 15.73 -40.40 36.84
N TYR D 218 14.46 -40.29 36.45
CA TYR D 218 13.76 -41.39 35.82
C TYR D 218 14.38 -41.72 34.46
N THR D 219 14.78 -40.70 33.72
CA THR D 219 15.41 -40.85 32.42
C THR D 219 16.77 -40.16 32.41
N THR D 220 17.42 -40.20 31.25
CA THR D 220 18.68 -39.54 31.02
C THR D 220 18.49 -38.47 29.95
N PRO D 221 18.96 -37.24 30.17
CA PRO D 221 19.71 -36.77 31.35
C PRO D 221 18.81 -36.44 32.54
N PRO D 222 19.37 -36.49 33.74
CA PRO D 222 18.65 -35.95 34.90
C PRO D 222 18.50 -34.45 34.76
N THR D 223 17.38 -33.93 35.28
CA THR D 223 17.08 -32.51 35.18
C THR D 223 16.72 -31.97 36.55
N PHE D 224 17.04 -30.70 36.76
CA PHE D 224 16.78 -30.00 38.01
C PHE D 224 15.76 -28.91 37.80
N GLY D 225 14.97 -28.64 38.84
CA GLY D 225 14.16 -27.45 38.86
C GLY D 225 15.01 -26.20 38.97
N GLN D 226 14.37 -25.06 38.75
CA GLN D 226 15.08 -23.79 38.81
C GLN D 226 15.53 -23.41 40.23
N GLY D 227 14.98 -24.06 41.24
CA GLY D 227 15.40 -23.81 42.61
C GLY D 227 14.45 -22.89 43.35
N THR D 228 14.42 -23.05 44.67
CA THR D 228 13.58 -22.24 45.54
C THR D 228 14.45 -21.71 46.67
N LYS D 229 14.63 -20.39 46.71
CA LYS D 229 15.42 -19.75 47.77
C LYS D 229 14.52 -19.47 48.96
N VAL D 230 14.82 -20.10 50.09
CA VAL D 230 14.10 -19.90 51.34
C VAL D 230 14.93 -18.98 52.21
N GLU D 231 14.40 -17.79 52.48
CA GLU D 231 15.11 -16.78 53.27
C GLU D 231 14.22 -16.28 54.40
N ILE D 232 14.85 -15.60 55.35
CA ILE D 232 14.13 -15.04 56.49
C ILE D 232 13.37 -13.80 56.06
N LYS D 233 12.27 -13.53 56.75
CA LYS D 233 11.45 -12.36 56.42
C LYS D 233 12.23 -11.07 56.67
N GLY D 234 12.02 -10.09 55.80
CA GLY D 234 12.67 -8.80 55.92
C GLY D 234 13.66 -8.57 54.79
N SER D 235 14.17 -7.33 54.76
CA SER D 235 15.13 -6.91 53.76
C SER D 235 16.55 -7.20 54.21
N HIS D 236 17.45 -7.39 53.25
CA HIS D 236 18.84 -7.70 53.50
C HIS D 236 19.71 -6.66 52.80
N HIS D 237 20.43 -5.87 53.58
CA HIS D 237 21.28 -4.82 53.03
C HIS D 237 22.64 -5.36 52.61
#